data_2G26
#
_entry.id   2G26
#
_cell.length_a   141.747
_cell.length_b   141.747
_cell.length_c   141.747
_cell.angle_alpha   90.00
_cell.angle_beta   90.00
_cell.angle_gamma   90.00
#
_symmetry.space_group_name_H-M   'P 21 3'
#
loop_
_entity.id
_entity.type
_entity.pdbx_description
1 polymer Renin
2 non-polymer '(5-{[(2R)-1-(4-{3-[(2-METHOXYBENZYL)OXY]PROPOXY}PHENYL)-6-OXOPIPERAZIN-2-YL]METHOXY}-1H-INDOL-1-YL)ACETIC ACID'
3 water water
#
_entity_poly.entity_id   1
_entity_poly.type   'polypeptide(L)'
_entity_poly.pdbx_seq_one_letter_code
;SSVILTNYMDTQYYGEIGIGTPPQTFKVVFDTGSSNVWVPSSKCSRLYTACVYHKLFDASDSSSYKHNGTELTLRYSTGT
VSGFLSQDIITVGGITVTQMFGEVTEMPALPFMLAEFDGVVGMGFIEQAIGRVTPIFDNIISQGVLKEDVFSFYYNRDSE
NSQSLGGQIVLGGSDPQHYEGNFHYINLIKTGVWQIQMKGVSVGSSTLLCEDGCLALVDTGASYISGSTSSIEKLMEALG
AKKRLFDYVVKCNEGPTLPDISFHLGGKEYTLTSADYVFQESYSSKKLCTLAIHAMDIPPPTGPTWALGATFIRKFYTEF
DRRNNRIGFALAR
;
_entity_poly.pdbx_strand_id   A,B
#
loop_
_chem_comp.id
_chem_comp.type
_chem_comp.name
_chem_comp.formula
3LG non-polymer '(5-{[(2R)-1-(4-{3-[(2-METHOXYBENZYL)OXY]PROPOXY}PHENYL)-6-OXOPIPERAZIN-2-YL]METHOXY}-1H-INDOL-1-YL)ACETIC ACID' 'C32 H35 N3 O7'
#
# COMPACT_ATOMS: atom_id res chain seq x y z
N SER A 1 27.90 -27.30 -0.64
CA SER A 1 27.52 -26.01 0.03
C SER A 1 26.44 -25.29 -0.76
N SER A 2 25.50 -24.68 -0.05
CA SER A 2 24.43 -23.96 -0.71
C SER A 2 24.41 -22.50 -0.30
N VAL A 3 23.92 -21.64 -1.19
CA VAL A 3 23.80 -20.22 -0.92
C VAL A 3 22.33 -19.88 -1.02
N ILE A 4 21.76 -19.31 0.03
CA ILE A 4 20.35 -18.92 0.02
C ILE A 4 20.21 -17.56 -0.65
N LEU A 5 19.27 -17.45 -1.57
CA LEU A 5 19.07 -16.20 -2.30
C LEU A 5 17.75 -15.53 -1.94
N THR A 6 17.75 -14.21 -2.07
CA THR A 6 16.57 -13.41 -1.80
C THR A 6 16.02 -12.98 -3.17
N ASN A 7 14.71 -13.10 -3.36
CA ASN A 7 14.10 -12.72 -4.62
C ASN A 7 13.43 -11.35 -4.44
N TYR A 8 13.94 -10.38 -5.18
CA TYR A 8 13.41 -9.02 -5.15
C TYR A 8 12.62 -8.76 -6.44
N MET A 9 11.31 -8.60 -6.32
CA MET A 9 10.43 -8.31 -7.45
C MET A 9 10.55 -9.22 -8.66
N ASP A 10 11.05 -10.44 -8.48
CA ASP A 10 11.24 -11.36 -9.61
C ASP A 10 12.30 -10.86 -10.61
N THR A 11 13.01 -9.78 -10.28
CA THR A 11 14.04 -9.24 -11.18
C THR A 11 15.48 -9.25 -10.63
N GLN A 12 15.63 -9.30 -9.32
CA GLN A 12 16.97 -9.34 -8.72
C GLN A 12 17.06 -10.48 -7.72
N TYR A 13 17.96 -11.42 -7.96
CA TYR A 13 18.14 -12.56 -7.05
C TYR A 13 19.55 -12.45 -6.51
N TYR A 14 19.68 -12.31 -5.19
CA TYR A 14 21.00 -12.16 -4.60
C TYR A 14 21.21 -12.93 -3.30
N GLY A 15 22.48 -13.19 -3.00
CA GLY A 15 22.82 -13.90 -1.78
C GLY A 15 23.87 -13.09 -1.04
N GLU A 16 24.27 -13.51 0.15
CA GLU A 16 25.27 -12.76 0.88
C GLU A 16 26.63 -13.44 0.93
N ILE A 17 27.69 -12.65 0.89
CA ILE A 17 29.05 -13.16 0.98
C ILE A 17 29.77 -12.30 2.00
N GLY A 18 30.81 -12.85 2.61
CA GLY A 18 31.58 -12.12 3.59
C GLY A 18 32.96 -11.83 3.05
N ILE A 19 33.44 -10.61 3.23
CA ILE A 19 34.76 -10.25 2.74
C ILE A 19 35.63 -9.64 3.86
N GLY A 20 36.84 -10.18 4.03
CA GLY A 20 37.75 -9.65 5.03
C GLY A 20 37.64 -10.23 6.43
N THR A 21 38.45 -9.67 7.32
CA THR A 21 38.52 -10.10 8.72
C THR A 21 38.55 -8.87 9.63
N PRO A 22 37.48 -8.65 10.42
CA PRO A 22 36.25 -9.47 10.52
C PRO A 22 35.52 -9.33 9.19
N PRO A 23 34.61 -10.27 8.89
CA PRO A 23 33.87 -10.23 7.63
C PRO A 23 32.97 -9.00 7.45
N GLN A 24 33.02 -8.42 6.26
CA GLN A 24 32.16 -7.31 5.93
C GLN A 24 31.16 -7.93 4.97
N THR A 25 29.89 -7.81 5.32
CA THR A 25 28.77 -8.38 4.58
C THR A 25 28.28 -7.62 3.34
N PHE A 26 28.10 -8.35 2.24
CA PHE A 26 27.63 -7.77 0.99
C PHE A 26 26.56 -8.62 0.33
N LYS A 27 25.58 -7.98 -0.30
CA LYS A 27 24.54 -8.68 -1.03
C LYS A 27 25.02 -8.68 -2.48
N VAL A 28 25.08 -9.85 -3.09
CA VAL A 28 25.56 -9.92 -4.46
C VAL A 28 24.74 -10.84 -5.36
N VAL A 29 24.72 -10.53 -6.65
CA VAL A 29 24.03 -11.34 -7.64
C VAL A 29 25.10 -12.29 -8.16
N PHE A 30 24.76 -13.55 -8.36
CA PHE A 30 25.71 -14.54 -8.90
C PHE A 30 25.36 -14.62 -10.38
N ASP A 31 26.30 -14.13 -11.19
CA ASP A 31 26.16 -13.96 -12.65
C ASP A 31 27.01 -14.86 -13.55
N THR A 32 26.38 -15.86 -14.19
CA THR A 32 27.11 -16.75 -15.08
C THR A 32 27.54 -16.04 -16.36
N GLY A 33 27.02 -14.84 -16.57
CA GLY A 33 27.36 -14.06 -17.74
C GLY A 33 28.60 -13.20 -17.62
N SER A 34 29.25 -13.20 -16.45
CA SER A 34 30.46 -12.41 -16.23
C SER A 34 31.39 -13.22 -15.34
N SER A 35 32.65 -12.80 -15.21
CA SER A 35 33.60 -13.56 -14.40
C SER A 35 34.36 -12.82 -13.31
N ASN A 36 34.01 -11.56 -13.04
CA ASN A 36 34.71 -10.81 -12.00
C ASN A 36 33.87 -10.66 -10.73
N VAL A 37 34.56 -10.42 -9.62
CA VAL A 37 33.88 -10.19 -8.35
C VAL A 37 34.10 -8.72 -8.01
N TRP A 38 33.06 -8.04 -7.59
CA TRP A 38 33.20 -6.65 -7.18
C TRP A 38 32.11 -6.23 -6.21
N VAL A 39 32.48 -5.30 -5.34
CA VAL A 39 31.57 -4.73 -4.36
C VAL A 39 31.94 -3.25 -4.27
N PRO A 40 31.02 -2.39 -3.80
CA PRO A 40 31.31 -0.96 -3.69
C PRO A 40 32.45 -0.76 -2.70
N SER A 41 33.26 0.28 -2.92
CA SER A 41 34.39 0.57 -2.05
C SER A 41 34.20 1.78 -1.14
N SER A 42 34.86 1.76 0.01
CA SER A 42 34.81 2.88 0.94
C SER A 42 35.48 4.05 0.20
N LYS A 43 36.32 3.74 -0.77
CA LYS A 43 37.01 4.77 -1.53
C LYS A 43 36.14 5.44 -2.60
N CYS A 44 34.89 5.02 -2.73
CA CYS A 44 33.97 5.62 -3.70
C CYS A 44 33.47 6.98 -3.20
N SER A 45 33.74 8.03 -3.96
CA SER A 45 33.28 9.37 -3.58
C SER A 45 31.79 9.36 -3.26
N ARG A 46 31.39 10.07 -2.22
CA ARG A 46 29.98 10.13 -1.84
C ARG A 46 29.14 10.93 -2.84
N LEU A 47 29.78 11.55 -3.83
CA LEU A 47 29.03 12.28 -4.84
C LEU A 47 28.31 11.23 -5.68
N TYR A 48 28.75 9.97 -5.57
CA TYR A 48 28.09 8.86 -6.27
C TYR A 48 27.03 8.37 -5.29
N THR A 49 25.82 8.89 -5.43
CA THR A 49 24.73 8.54 -4.55
C THR A 49 24.58 7.02 -4.36
N ALA A 50 24.77 6.24 -5.43
CA ALA A 50 24.66 4.77 -5.34
C ALA A 50 25.53 4.24 -4.20
N CYS A 51 26.69 4.85 -4.01
CA CYS A 51 27.62 4.42 -2.97
C CYS A 51 27.11 4.82 -1.60
N VAL A 52 26.35 5.91 -1.52
CA VAL A 52 25.80 6.33 -0.25
C VAL A 52 24.71 5.34 0.18
N TYR A 53 24.08 4.71 -0.81
CA TYR A 53 23.00 3.75 -0.58
C TYR A 53 23.40 2.28 -0.60
N HIS A 54 24.69 2.00 -0.53
CA HIS A 54 25.10 0.60 -0.54
C HIS A 54 26.20 0.29 0.47
N LYS A 55 26.38 -1.00 0.73
CA LYS A 55 27.42 -1.42 1.66
C LYS A 55 28.76 -1.15 0.96
N LEU A 56 29.68 -0.49 1.66
CA LEU A 56 31.00 -0.18 1.11
C LEU A 56 32.11 -1.00 1.78
N PHE A 57 32.98 -1.62 0.99
CA PHE A 57 34.07 -2.41 1.57
C PHE A 57 35.17 -1.48 2.04
N ASP A 58 35.58 -1.63 3.30
CA ASP A 58 36.63 -0.80 3.83
C ASP A 58 37.86 -1.64 4.14
N ALA A 59 38.86 -1.52 3.28
CA ALA A 59 40.11 -2.26 3.42
C ALA A 59 40.81 -1.97 4.74
N SER A 60 40.70 -0.74 5.24
CA SER A 60 41.38 -0.37 6.47
C SER A 60 40.79 -1.01 7.72
N ASP A 61 39.74 -1.81 7.55
CA ASP A 61 39.11 -2.50 8.66
C ASP A 61 39.35 -4.00 8.55
N SER A 62 40.15 -4.42 7.57
CA SER A 62 40.43 -5.84 7.36
C SER A 62 41.88 -6.22 7.51
N SER A 63 42.16 -7.08 8.48
CA SER A 63 43.52 -7.53 8.75
C SER A 63 44.02 -8.54 7.73
N SER A 64 43.09 -9.10 6.95
CA SER A 64 43.45 -10.09 5.94
C SER A 64 43.63 -9.48 4.53
N TYR A 65 43.30 -8.20 4.39
CA TYR A 65 43.42 -7.52 3.11
C TYR A 65 44.84 -7.49 2.53
N LYS A 66 44.93 -7.60 1.22
CA LYS A 66 46.19 -7.57 0.50
C LYS A 66 46.04 -6.62 -0.67
N HIS A 67 46.81 -5.55 -0.65
CA HIS A 67 46.78 -4.52 -1.68
C HIS A 67 47.29 -4.97 -3.06
N ASN A 68 46.70 -4.39 -4.10
CA ASN A 68 47.13 -4.67 -5.47
C ASN A 68 46.98 -3.34 -6.20
N GLY A 69 45.75 -2.84 -6.31
CA GLY A 69 45.53 -1.54 -6.92
C GLY A 69 45.46 -1.41 -8.42
N THR A 70 45.50 -2.50 -9.16
CA THR A 70 45.40 -2.38 -10.61
C THR A 70 43.99 -1.90 -10.99
N GLU A 71 43.95 -0.85 -11.79
CA GLU A 71 42.70 -0.25 -12.24
C GLU A 71 41.87 -1.20 -13.10
N LEU A 72 40.55 -1.14 -12.96
CA LEU A 72 39.70 -1.98 -13.78
C LEU A 72 38.30 -1.40 -14.03
N THR A 73 37.75 -1.73 -15.19
CA THR A 73 36.42 -1.28 -15.56
C THR A 73 35.62 -2.49 -16.01
N LEU A 74 34.41 -2.63 -15.46
CA LEU A 74 33.53 -3.74 -15.81
C LEU A 74 32.34 -3.14 -16.53
N ARG A 75 32.11 -3.60 -17.75
CA ARG A 75 31.02 -3.09 -18.57
C ARG A 75 29.90 -4.10 -18.75
N TYR A 76 28.76 -3.83 -18.12
CA TYR A 76 27.61 -4.72 -18.24
C TYR A 76 26.65 -4.15 -19.28
N SER A 77 25.64 -4.92 -19.63
CA SER A 77 24.66 -4.50 -20.62
C SER A 77 23.85 -3.28 -20.19
N THR A 78 23.58 -3.17 -18.90
CA THR A 78 22.78 -2.05 -18.41
C THR A 78 23.56 -0.99 -17.63
N GLY A 79 24.87 -1.11 -17.58
CA GLY A 79 25.65 -0.14 -16.83
C GLY A 79 27.10 -0.53 -16.67
N THR A 80 27.90 0.42 -16.19
CA THR A 80 29.33 0.24 -16.02
C THR A 80 29.85 0.59 -14.62
N VAL A 81 30.86 -0.13 -14.16
CA VAL A 81 31.49 0.16 -12.87
C VAL A 81 32.99 0.21 -13.04
N SER A 82 33.64 1.03 -12.22
CA SER A 82 35.08 1.14 -12.31
C SER A 82 35.71 1.25 -10.92
N GLY A 83 36.95 0.81 -10.84
CA GLY A 83 37.66 0.86 -9.59
C GLY A 83 39.02 0.20 -9.72
N PHE A 84 39.41 -0.52 -8.68
CA PHE A 84 40.70 -1.17 -8.65
C PHE A 84 40.62 -2.54 -7.96
N LEU A 85 41.63 -3.37 -8.21
CA LEU A 85 41.72 -4.71 -7.65
C LEU A 85 42.27 -4.77 -6.22
N SER A 86 41.72 -5.71 -5.44
CA SER A 86 42.13 -5.95 -4.06
C SER A 86 42.01 -7.44 -3.79
N GLN A 87 42.71 -7.91 -2.77
CA GLN A 87 42.66 -9.32 -2.42
C GLN A 87 42.28 -9.46 -0.95
N ASP A 88 41.45 -10.45 -0.65
CA ASP A 88 41.03 -10.68 0.72
C ASP A 88 40.29 -12.00 0.77
N ILE A 89 39.96 -12.45 1.97
CA ILE A 89 39.26 -13.70 2.12
C ILE A 89 37.77 -13.47 1.91
N ILE A 90 37.15 -14.38 1.19
CA ILE A 90 35.72 -14.27 0.95
C ILE A 90 35.02 -15.54 1.36
N THR A 91 33.94 -15.39 2.10
CA THR A 91 33.18 -16.55 2.54
C THR A 91 31.94 -16.63 1.67
N VAL A 92 31.69 -17.81 1.13
CA VAL A 92 30.54 -18.05 0.27
C VAL A 92 29.93 -19.38 0.64
N GLY A 93 28.72 -19.34 1.21
CA GLY A 93 28.04 -20.56 1.60
C GLY A 93 28.85 -21.43 2.53
N GLY A 94 29.64 -20.83 3.41
CA GLY A 94 30.43 -21.61 4.34
C GLY A 94 31.84 -21.87 3.86
N ILE A 95 32.05 -21.78 2.54
CA ILE A 95 33.37 -21.98 1.95
C ILE A 95 34.20 -20.71 1.99
N THR A 96 35.44 -20.84 2.47
CA THR A 96 36.36 -19.70 2.55
C THR A 96 37.45 -19.80 1.49
N VAL A 97 37.60 -18.76 0.68
CA VAL A 97 38.60 -18.74 -0.37
C VAL A 97 39.27 -17.37 -0.54
N THR A 98 40.58 -17.38 -0.75
CA THR A 98 41.31 -16.13 -0.96
C THR A 98 40.97 -15.72 -2.39
N GLN A 99 40.45 -14.51 -2.55
CA GLN A 99 40.01 -14.02 -3.85
C GLN A 99 40.41 -12.59 -4.19
N MET A 100 40.67 -12.36 -5.47
CA MET A 100 40.99 -11.02 -5.95
C MET A 100 39.65 -10.47 -6.45
N PHE A 101 39.33 -9.25 -6.05
CA PHE A 101 38.07 -8.65 -6.46
C PHE A 101 38.21 -7.16 -6.75
N GLY A 102 37.15 -6.58 -7.28
CA GLY A 102 37.19 -5.18 -7.59
C GLY A 102 36.53 -4.33 -6.52
N GLU A 103 37.20 -3.24 -6.14
CA GLU A 103 36.67 -2.28 -5.20
C GLU A 103 36.22 -1.17 -6.14
N VAL A 104 34.91 -1.00 -6.26
CA VAL A 104 34.35 0.00 -7.16
C VAL A 104 34.28 1.40 -6.55
N THR A 105 34.87 2.38 -7.24
CA THR A 105 34.88 3.77 -6.80
C THR A 105 34.02 4.68 -7.70
N GLU A 106 33.47 4.11 -8.76
CA GLU A 106 32.61 4.86 -9.68
C GLU A 106 31.43 3.95 -9.99
N MET A 107 30.27 4.34 -9.48
CA MET A 107 29.04 3.56 -9.60
C MET A 107 27.89 4.48 -9.95
N PRO A 108 27.55 4.59 -11.24
CA PRO A 108 26.44 5.47 -11.68
C PRO A 108 25.08 5.25 -11.02
N ALA A 109 24.46 6.36 -10.63
CA ALA A 109 23.13 6.35 -9.99
C ALA A 109 22.15 5.53 -10.83
N LEU A 110 22.21 5.72 -12.14
CA LEU A 110 21.39 4.93 -13.07
C LEU A 110 22.42 3.98 -13.68
N PRO A 111 22.23 2.67 -13.53
CA PRO A 111 21.15 1.96 -12.83
C PRO A 111 21.33 1.57 -11.35
N PHE A 112 22.50 1.83 -10.78
CA PHE A 112 22.75 1.35 -9.41
C PHE A 112 21.91 1.83 -8.24
N MET A 113 21.25 2.97 -8.38
CA MET A 113 20.41 3.43 -7.30
C MET A 113 19.21 2.47 -7.21
N LEU A 114 18.95 1.74 -8.30
CA LEU A 114 17.83 0.81 -8.36
C LEU A 114 18.23 -0.63 -8.01
N ALA A 115 19.49 -0.83 -7.66
CA ALA A 115 19.98 -2.16 -7.30
C ALA A 115 19.78 -2.44 -5.82
N GLU A 116 19.10 -3.54 -5.51
CA GLU A 116 18.90 -3.93 -4.12
C GLU A 116 20.25 -4.47 -3.65
N PHE A 117 20.93 -5.18 -4.53
CA PHE A 117 22.23 -5.75 -4.20
C PHE A 117 23.35 -4.71 -4.15
N ASP A 118 24.50 -5.13 -3.62
CA ASP A 118 25.67 -4.27 -3.50
C ASP A 118 26.65 -4.52 -4.64
N GLY A 119 26.89 -5.80 -4.92
CA GLY A 119 27.82 -6.15 -5.96
C GLY A 119 27.46 -7.36 -6.78
N VAL A 120 28.46 -7.93 -7.43
CA VAL A 120 28.28 -9.09 -8.31
C VAL A 120 29.40 -10.11 -8.15
N VAL A 121 29.06 -11.38 -8.24
CA VAL A 121 30.04 -12.45 -8.17
C VAL A 121 29.95 -13.18 -9.50
N GLY A 122 30.95 -12.96 -10.37
CA GLY A 122 30.95 -13.60 -11.67
C GLY A 122 31.17 -15.09 -11.57
N MET A 123 30.28 -15.88 -12.17
CA MET A 123 30.39 -17.34 -12.15
C MET A 123 30.81 -17.83 -13.53
N GLY A 124 31.27 -16.91 -14.36
CA GLY A 124 31.70 -17.26 -15.70
C GLY A 124 33.13 -17.81 -15.68
N PHE A 125 33.66 -18.05 -16.87
CA PHE A 125 35.02 -18.59 -17.05
C PHE A 125 36.09 -17.51 -17.04
N ILE A 126 37.30 -17.91 -16.68
CA ILE A 126 38.43 -16.98 -16.62
C ILE A 126 38.67 -16.32 -17.98
N GLU A 127 38.36 -17.04 -19.05
CA GLU A 127 38.55 -16.50 -20.40
C GLU A 127 37.93 -15.12 -20.56
N GLN A 128 36.80 -14.90 -19.92
CA GLN A 128 36.12 -13.60 -20.04
C GLN A 128 36.31 -12.72 -18.81
N ALA A 129 37.26 -13.07 -17.95
CA ALA A 129 37.52 -12.29 -16.76
C ALA A 129 38.33 -11.07 -17.16
N ILE A 130 37.84 -9.90 -16.79
CA ILE A 130 38.55 -8.67 -17.12
C ILE A 130 39.78 -8.61 -16.23
N GLY A 131 40.90 -8.16 -16.79
CA GLY A 131 42.13 -8.09 -16.02
C GLY A 131 42.67 -9.49 -15.74
N ARG A 132 42.08 -10.48 -16.40
CA ARG A 132 42.46 -11.88 -16.26
C ARG A 132 42.51 -12.38 -14.80
N VAL A 133 41.62 -11.86 -13.98
CA VAL A 133 41.57 -12.26 -12.56
C VAL A 133 40.93 -13.64 -12.46
N THR A 134 41.55 -14.55 -11.71
CA THR A 134 40.99 -15.89 -11.57
C THR A 134 39.58 -15.83 -10.94
N PRO A 135 38.59 -16.46 -11.58
CA PRO A 135 37.21 -16.45 -11.07
C PRO A 135 37.07 -17.21 -9.75
N ILE A 136 36.17 -16.75 -8.89
CA ILE A 136 35.97 -17.38 -7.58
C ILE A 136 35.68 -18.86 -7.63
N PHE A 137 34.89 -19.31 -8.61
CA PHE A 137 34.59 -20.74 -8.63
C PHE A 137 35.84 -21.54 -8.98
N ASP A 138 36.73 -20.94 -9.76
CA ASP A 138 37.95 -21.65 -10.11
C ASP A 138 38.78 -21.78 -8.83
N ASN A 139 38.79 -20.72 -8.03
CA ASN A 139 39.54 -20.72 -6.77
C ASN A 139 38.97 -21.72 -5.77
N ILE A 140 37.66 -21.94 -5.83
CA ILE A 140 37.02 -22.90 -4.93
C ILE A 140 37.34 -24.34 -5.37
N ILE A 141 37.29 -24.58 -6.67
CA ILE A 141 37.61 -25.89 -7.20
C ILE A 141 39.02 -26.29 -6.82
N SER A 142 39.96 -25.36 -6.98
CA SER A 142 41.35 -25.62 -6.64
C SER A 142 41.55 -26.09 -5.21
N GLN A 143 40.50 -25.98 -4.39
CA GLN A 143 40.58 -26.42 -3.00
C GLN A 143 40.34 -27.91 -2.85
N GLY A 144 39.69 -28.50 -3.86
CA GLY A 144 39.40 -29.93 -3.84
C GLY A 144 38.44 -30.41 -2.78
N VAL A 145 37.41 -29.62 -2.50
CA VAL A 145 36.43 -29.99 -1.50
C VAL A 145 35.09 -30.34 -2.11
N LEU A 146 34.73 -29.67 -3.20
CA LEU A 146 33.46 -29.93 -3.86
C LEU A 146 33.45 -31.34 -4.41
N LYS A 147 32.34 -32.06 -4.23
CA LYS A 147 32.26 -33.43 -4.73
C LYS A 147 32.12 -33.45 -6.25
N GLU A 148 31.66 -32.35 -6.84
CA GLU A 148 31.52 -32.26 -8.29
C GLU A 148 31.93 -30.88 -8.75
N ASP A 149 32.48 -30.81 -9.95
CA ASP A 149 32.92 -29.55 -10.54
C ASP A 149 31.73 -28.85 -11.21
N VAL A 150 30.66 -28.63 -10.45
CA VAL A 150 29.46 -28.00 -11.00
C VAL A 150 28.71 -27.13 -9.97
N PHE A 151 27.89 -26.20 -10.46
CA PHE A 151 27.08 -25.36 -9.58
C PHE A 151 25.67 -25.27 -10.17
N SER A 152 24.67 -25.19 -9.30
CA SER A 152 23.27 -25.17 -9.74
C SER A 152 22.45 -23.96 -9.26
N PHE A 153 21.49 -23.55 -10.07
CA PHE A 153 20.63 -22.43 -9.73
C PHE A 153 19.13 -22.75 -9.68
N TYR A 154 18.50 -22.26 -8.64
CA TYR A 154 17.07 -22.39 -8.46
C TYR A 154 16.55 -21.00 -8.14
N TYR A 155 15.65 -20.50 -8.97
CA TYR A 155 15.05 -19.18 -8.78
C TYR A 155 13.54 -19.37 -8.56
N ASN A 156 13.05 -19.01 -7.38
CA ASN A 156 11.64 -19.17 -7.06
C ASN A 156 10.80 -18.00 -7.58
N ARG A 157 9.47 -18.15 -7.49
CA ARG A 157 8.56 -17.08 -7.89
C ARG A 157 8.59 -16.07 -6.74
N ASP A 158 8.18 -14.84 -7.04
CA ASP A 158 8.17 -13.75 -6.06
C ASP A 158 7.78 -14.21 -4.66
N SER A 159 6.86 -15.16 -4.57
CA SER A 159 6.43 -15.70 -3.28
C SER A 159 5.85 -14.64 -2.35
N GLU A 160 5.41 -15.07 -1.16
CA GLU A 160 4.81 -14.22 -0.13
C GLU A 160 4.90 -12.71 -0.39
N LEU A 165 11.88 -19.71 0.17
CA LEU A 165 13.14 -18.97 -0.13
C LEU A 165 13.05 -18.32 -1.49
N GLY A 166 13.78 -17.23 -1.67
CA GLY A 166 13.77 -16.53 -2.94
C GLY A 166 14.45 -17.35 -4.02
N GLY A 167 15.42 -18.17 -3.62
CA GLY A 167 16.14 -18.99 -4.57
C GLY A 167 17.27 -19.71 -3.88
N GLN A 168 18.10 -20.41 -4.64
CA GLN A 168 19.22 -21.14 -4.05
C GLN A 168 20.29 -21.54 -5.05
N ILE A 169 21.53 -21.43 -4.61
CA ILE A 169 22.65 -21.83 -5.44
C ILE A 169 23.34 -22.95 -4.70
N VAL A 170 23.66 -24.02 -5.41
CA VAL A 170 24.35 -25.14 -4.79
C VAL A 170 25.72 -25.22 -5.45
N LEU A 171 26.76 -25.11 -4.64
CA LEU A 171 28.13 -25.23 -5.12
C LEU A 171 28.56 -26.67 -4.99
N GLY A 172 28.92 -27.30 -6.11
CA GLY A 172 29.37 -28.68 -6.06
C GLY A 172 28.33 -29.75 -6.31
N GLY A 173 27.14 -29.35 -6.77
CA GLY A 173 26.08 -30.32 -7.04
C GLY A 173 24.74 -29.69 -7.36
N SER A 174 23.67 -30.42 -7.06
CA SER A 174 22.32 -29.95 -7.31
C SER A 174 21.41 -30.39 -6.17
N ASP A 175 20.27 -29.70 -6.03
CA ASP A 175 19.32 -30.02 -4.98
C ASP A 175 18.05 -30.64 -5.56
N PRO A 176 17.94 -31.97 -5.51
CA PRO A 176 16.83 -32.77 -6.01
C PRO A 176 15.49 -32.28 -5.47
N GLN A 177 15.55 -31.51 -4.39
CA GLN A 177 14.34 -30.98 -3.77
C GLN A 177 13.77 -29.80 -4.57
N HIS A 178 14.52 -29.30 -5.55
CA HIS A 178 14.01 -28.20 -6.33
C HIS A 178 13.79 -28.44 -7.83
N TYR A 179 13.90 -29.70 -8.23
CA TYR A 179 13.65 -30.06 -9.63
C TYR A 179 13.06 -31.48 -9.67
N GLU A 180 12.42 -31.81 -10.78
CA GLU A 180 11.83 -33.14 -10.94
C GLU A 180 12.13 -33.67 -12.34
N GLY A 181 11.92 -34.97 -12.54
CA GLY A 181 12.23 -35.54 -13.83
C GLY A 181 13.75 -35.57 -13.82
N ASN A 182 14.38 -35.76 -14.97
CA ASN A 182 15.83 -35.77 -14.96
C ASN A 182 16.41 -34.66 -15.81
N PHE A 183 17.71 -34.45 -15.70
CA PHE A 183 18.35 -33.39 -16.46
C PHE A 183 18.56 -33.83 -17.91
N HIS A 184 18.66 -32.84 -18.78
CA HIS A 184 18.91 -33.04 -20.19
C HIS A 184 19.97 -32.00 -20.48
N TYR A 185 21.12 -32.46 -20.96
CA TYR A 185 22.24 -31.58 -21.21
C TYR A 185 22.49 -31.13 -22.63
N ILE A 186 23.07 -29.95 -22.74
CA ILE A 186 23.45 -29.37 -24.02
C ILE A 186 24.90 -28.95 -23.81
N ASN A 187 25.80 -29.52 -24.60
CA ASN A 187 27.22 -29.22 -24.48
C ASN A 187 27.46 -27.75 -24.83
N LEU A 188 28.47 -27.15 -24.18
CA LEU A 188 28.79 -25.76 -24.46
C LEU A 188 29.33 -25.68 -25.89
N ILE A 189 29.04 -24.55 -26.55
CA ILE A 189 29.54 -24.35 -27.91
C ILE A 189 31.04 -24.14 -27.82
N LYS A 190 31.47 -23.62 -26.69
CA LYS A 190 32.87 -23.33 -26.45
C LYS A 190 33.11 -23.12 -24.97
N THR A 191 34.25 -23.60 -24.46
CA THR A 191 34.58 -23.41 -23.06
C THR A 191 34.91 -21.92 -22.93
N GLY A 192 34.70 -21.35 -21.75
CA GLY A 192 35.00 -19.94 -21.58
C GLY A 192 33.75 -19.08 -21.64
N VAL A 193 32.65 -19.68 -22.07
CA VAL A 193 31.38 -18.96 -22.16
C VAL A 193 30.21 -19.93 -21.94
N TRP A 194 29.30 -19.58 -21.03
CA TRP A 194 28.15 -20.45 -20.77
C TRP A 194 27.10 -20.21 -21.86
N GLN A 195 27.50 -20.44 -23.11
CA GLN A 195 26.61 -20.24 -24.24
C GLN A 195 26.38 -21.56 -24.95
N ILE A 196 25.12 -21.85 -25.26
CA ILE A 196 24.76 -23.09 -25.93
C ILE A 196 24.04 -22.79 -27.23
N GLN A 197 24.07 -23.77 -28.13
CA GLN A 197 23.40 -23.63 -29.41
C GLN A 197 21.91 -23.77 -29.16
N MET A 198 21.11 -22.96 -29.86
CA MET A 198 19.67 -23.03 -29.74
C MET A 198 19.20 -23.33 -31.16
N LYS A 199 18.30 -24.30 -31.30
CA LYS A 199 17.84 -24.70 -32.63
C LYS A 199 16.58 -24.03 -33.17
N GLY A 200 15.94 -23.21 -32.36
CA GLY A 200 14.74 -22.54 -32.83
C GLY A 200 13.90 -21.94 -31.71
N VAL A 201 13.12 -20.93 -32.05
CA VAL A 201 12.25 -20.28 -31.08
C VAL A 201 10.87 -20.19 -31.70
N SER A 202 9.90 -20.85 -31.09
CA SER A 202 8.54 -20.82 -31.62
C SER A 202 7.57 -20.03 -30.77
N VAL A 203 6.71 -19.25 -31.42
CA VAL A 203 5.71 -18.45 -30.74
C VAL A 203 4.32 -18.90 -31.17
N GLY A 204 3.66 -19.67 -30.32
CA GLY A 204 2.34 -20.18 -30.65
C GLY A 204 2.47 -21.30 -31.66
N SER A 205 1.73 -21.21 -32.76
CA SER A 205 1.79 -22.24 -33.78
C SER A 205 2.53 -21.73 -35.02
N SER A 206 3.81 -21.40 -34.84
CA SER A 206 4.64 -20.89 -35.93
C SER A 206 6.08 -20.67 -35.47
N THR A 207 6.95 -21.64 -35.73
CA THR A 207 8.34 -21.53 -35.34
C THR A 207 9.03 -20.55 -36.30
N LEU A 208 8.66 -19.29 -36.21
CA LEU A 208 9.20 -18.26 -37.09
C LEU A 208 10.46 -17.55 -36.58
N LEU A 209 11.09 -18.08 -35.53
CA LEU A 209 12.29 -17.45 -35.00
C LEU A 209 13.46 -18.41 -34.85
N CYS A 210 14.67 -17.86 -34.91
CA CYS A 210 15.90 -18.64 -34.80
C CYS A 210 15.86 -19.82 -35.76
N GLU A 211 15.35 -19.56 -36.95
CA GLU A 211 15.30 -20.58 -37.99
C GLU A 211 16.76 -20.65 -38.45
N ASP A 212 17.24 -21.84 -38.75
CA ASP A 212 18.63 -22.02 -39.19
C ASP A 212 19.57 -22.09 -37.98
N GLY A 213 19.06 -21.72 -36.81
CA GLY A 213 19.88 -21.77 -35.61
C GLY A 213 20.32 -20.42 -35.07
N CYS A 214 20.72 -20.41 -33.80
CA CYS A 214 21.16 -19.19 -33.12
C CYS A 214 21.85 -19.56 -31.81
N LEU A 215 22.24 -18.55 -31.03
CA LEU A 215 22.93 -18.77 -29.76
C LEU A 215 22.11 -18.40 -28.53
N ALA A 216 22.38 -19.08 -27.42
CA ALA A 216 21.71 -18.83 -26.16
C ALA A 216 22.68 -18.79 -24.98
N LEU A 217 22.82 -17.62 -24.39
CA LEU A 217 23.69 -17.43 -23.23
C LEU A 217 22.81 -17.73 -22.01
N VAL A 218 23.17 -18.76 -21.24
CA VAL A 218 22.40 -19.11 -20.04
C VAL A 218 22.95 -18.17 -18.97
N ASP A 219 22.22 -17.07 -18.77
CA ASP A 219 22.61 -15.98 -17.88
C ASP A 219 21.83 -15.78 -16.57
N THR A 220 22.41 -16.24 -15.47
CA THR A 220 21.76 -16.09 -14.16
C THR A 220 21.70 -14.63 -13.70
N GLY A 221 22.54 -13.78 -14.30
CA GLY A 221 22.55 -12.38 -13.92
C GLY A 221 21.57 -11.50 -14.67
N ALA A 222 20.96 -12.05 -15.71
CA ALA A 222 19.98 -11.33 -16.51
C ALA A 222 18.59 -11.57 -15.92
N SER A 223 17.84 -10.49 -15.72
CA SER A 223 16.51 -10.58 -15.16
C SER A 223 15.55 -11.23 -16.14
N TYR A 224 15.72 -10.93 -17.42
CA TYR A 224 14.82 -11.45 -18.41
C TYR A 224 15.44 -12.33 -19.49
N ILE A 225 14.57 -12.85 -20.35
CA ILE A 225 15.00 -13.64 -21.49
C ILE A 225 15.20 -12.54 -22.51
N SER A 226 16.37 -12.48 -23.17
CA SER A 226 16.59 -11.45 -24.17
C SER A 226 17.01 -12.00 -25.54
N GLY A 227 16.80 -11.20 -26.57
CA GLY A 227 17.17 -11.57 -27.92
C GLY A 227 17.55 -10.30 -28.66
N SER A 228 18.11 -10.43 -29.85
CA SER A 228 18.49 -9.26 -30.64
C SER A 228 17.27 -8.37 -30.87
N THR A 229 17.53 -7.10 -31.18
CA THR A 229 16.45 -6.16 -31.44
C THR A 229 15.55 -6.66 -32.58
N SER A 230 16.15 -7.21 -33.63
CA SER A 230 15.38 -7.72 -34.75
C SER A 230 14.45 -8.85 -34.33
N SER A 231 15.02 -9.87 -33.68
CA SER A 231 14.26 -11.02 -33.23
C SER A 231 13.08 -10.62 -32.34
N ILE A 232 13.35 -9.77 -31.36
CA ILE A 232 12.32 -9.35 -30.43
C ILE A 232 11.23 -8.55 -31.13
N GLU A 233 11.60 -7.85 -32.21
CA GLU A 233 10.62 -7.08 -32.95
C GLU A 233 9.60 -8.05 -33.54
N LYS A 234 10.08 -9.16 -34.10
CA LYS A 234 9.20 -10.15 -34.69
C LYS A 234 8.40 -10.88 -33.60
N LEU A 235 9.07 -11.25 -32.52
CA LEU A 235 8.41 -11.97 -31.44
C LEU A 235 7.28 -11.12 -30.87
N MET A 236 7.60 -9.89 -30.50
CA MET A 236 6.62 -8.96 -29.92
C MET A 236 5.49 -8.60 -30.88
N GLU A 237 5.84 -8.39 -32.14
CA GLU A 237 4.84 -8.04 -33.13
C GLU A 237 3.85 -9.20 -33.19
N ALA A 238 4.37 -10.41 -33.00
CA ALA A 238 3.54 -11.61 -33.02
C ALA A 238 2.64 -11.66 -31.80
N LEU A 239 3.10 -11.09 -30.70
CA LEU A 239 2.34 -11.08 -29.46
C LEU A 239 1.34 -9.93 -29.42
N GLY A 240 1.53 -8.95 -30.31
CA GLY A 240 0.64 -7.81 -30.33
C GLY A 240 1.04 -6.84 -29.24
N ALA A 241 2.33 -6.88 -28.87
CA ALA A 241 2.87 -6.02 -27.83
C ALA A 241 3.43 -4.71 -28.38
N LYS A 242 3.28 -3.64 -27.62
CA LYS A 242 3.80 -2.34 -28.04
C LYS A 242 5.09 -2.06 -27.32
N LYS A 243 6.03 -1.46 -28.03
CA LYS A 243 7.35 -1.17 -27.48
C LYS A 243 7.38 0.15 -26.73
N ARG A 244 8.20 0.19 -25.68
CA ARG A 244 8.37 1.39 -24.87
C ARG A 244 9.87 1.59 -24.78
N LEU A 245 10.30 2.58 -23.98
CA LEU A 245 11.71 2.90 -23.84
C LEU A 245 12.61 1.74 -23.38
N PHE A 246 12.21 1.03 -22.34
CA PHE A 246 13.03 -0.07 -21.84
C PHE A 246 12.32 -1.42 -21.71
N ASP A 247 11.25 -1.61 -22.48
CA ASP A 247 10.52 -2.86 -22.40
C ASP A 247 9.34 -2.88 -23.36
N TYR A 248 8.55 -3.93 -23.25
CA TYR A 248 7.35 -4.11 -24.05
C TYR A 248 6.20 -4.39 -23.10
N VAL A 249 5.04 -3.79 -23.40
CA VAL A 249 3.84 -3.99 -22.60
C VAL A 249 2.73 -4.53 -23.45
N VAL A 250 1.69 -4.99 -22.77
CA VAL A 250 0.52 -5.51 -23.42
C VAL A 250 -0.57 -5.01 -22.48
N LYS A 251 -1.76 -4.78 -23.03
CA LYS A 251 -2.85 -4.34 -22.17
C LYS A 251 -3.09 -5.55 -21.28
N CYS A 252 -3.11 -5.33 -19.97
CA CYS A 252 -3.25 -6.42 -19.01
C CYS A 252 -4.33 -7.46 -19.28
N ASN A 253 -5.50 -7.02 -19.75
CA ASN A 253 -6.59 -7.93 -20.03
C ASN A 253 -6.28 -9.03 -21.04
N GLU A 254 -5.28 -8.79 -21.89
CA GLU A 254 -4.91 -9.77 -22.89
C GLU A 254 -3.69 -10.62 -22.53
N GLY A 255 -3.06 -10.32 -21.40
CA GLY A 255 -1.91 -11.07 -20.98
C GLY A 255 -2.14 -12.58 -20.95
N PRO A 256 -3.23 -13.04 -20.32
CA PRO A 256 -3.57 -14.47 -20.23
C PRO A 256 -3.85 -15.14 -21.58
N THR A 257 -4.24 -14.34 -22.57
CA THR A 257 -4.55 -14.87 -23.89
C THR A 257 -3.30 -15.05 -24.75
N LEU A 258 -2.18 -14.47 -24.31
CA LEU A 258 -0.92 -14.58 -25.07
C LEU A 258 -0.50 -16.03 -25.24
N PRO A 259 0.08 -16.36 -26.41
CA PRO A 259 0.55 -17.70 -26.77
C PRO A 259 1.81 -18.16 -26.05
N ASP A 260 1.99 -19.47 -26.01
CA ASP A 260 3.16 -20.08 -25.39
C ASP A 260 4.36 -19.70 -26.24
N ILE A 261 5.53 -19.73 -25.63
CA ILE A 261 6.79 -19.42 -26.31
C ILE A 261 7.71 -20.56 -25.93
N SER A 262 8.21 -21.27 -26.93
CA SER A 262 9.07 -22.41 -26.67
C SER A 262 10.47 -22.21 -27.20
N PHE A 263 11.45 -22.71 -26.46
CA PHE A 263 12.85 -22.61 -26.86
C PHE A 263 13.39 -24.00 -27.10
N HIS A 264 13.88 -24.22 -28.32
CA HIS A 264 14.41 -25.51 -28.74
C HIS A 264 15.88 -25.64 -28.36
N LEU A 265 16.17 -26.41 -27.32
CA LEU A 265 17.53 -26.60 -26.87
C LEU A 265 17.89 -28.08 -26.69
N GLY A 266 18.90 -28.54 -27.41
CA GLY A 266 19.35 -29.91 -27.32
C GLY A 266 18.30 -30.98 -27.54
N GLY A 267 17.44 -30.79 -28.53
CA GLY A 267 16.42 -31.78 -28.83
C GLY A 267 15.25 -31.81 -27.86
N LYS A 268 15.12 -30.77 -27.05
CA LYS A 268 14.02 -30.68 -26.09
C LYS A 268 13.33 -29.33 -26.26
N GLU A 269 12.02 -29.32 -26.10
CA GLU A 269 11.28 -28.07 -26.22
C GLU A 269 11.03 -27.47 -24.84
N TYR A 270 11.66 -26.35 -24.55
CA TYR A 270 11.47 -25.70 -23.27
C TYR A 270 10.38 -24.64 -23.47
N THR A 271 9.20 -24.94 -22.95
CA THR A 271 8.03 -24.09 -23.11
C THR A 271 7.61 -23.22 -21.95
N LEU A 272 7.30 -21.97 -22.27
CA LEU A 272 6.85 -20.99 -21.29
C LEU A 272 5.44 -20.55 -21.67
N THR A 273 4.60 -20.38 -20.66
CA THR A 273 3.23 -19.93 -20.82
C THR A 273 3.20 -18.42 -20.55
N SER A 274 2.16 -17.73 -21.00
CA SER A 274 2.08 -16.29 -20.76
C SER A 274 2.23 -15.97 -19.27
N ALA A 275 1.72 -16.84 -18.41
CA ALA A 275 1.85 -16.63 -16.98
C ALA A 275 3.34 -16.67 -16.59
N ASP A 276 4.15 -17.30 -17.43
CA ASP A 276 5.58 -17.42 -17.18
C ASP A 276 6.39 -16.19 -17.63
N TYR A 277 5.88 -15.44 -18.59
CA TYR A 277 6.63 -14.29 -19.08
C TYR A 277 5.93 -12.93 -18.97
N VAL A 278 4.74 -12.92 -18.39
CA VAL A 278 4.06 -11.64 -18.26
C VAL A 278 3.90 -11.26 -16.79
N PHE A 279 4.19 -9.99 -16.48
CA PHE A 279 4.01 -9.51 -15.13
C PHE A 279 2.54 -9.14 -15.05
N GLN A 280 1.74 -10.12 -14.69
CA GLN A 280 0.29 -9.94 -14.61
C GLN A 280 -0.10 -9.16 -13.36
N GLU A 281 0.23 -7.88 -13.36
CA GLU A 281 -0.04 -6.98 -12.24
C GLU A 281 -1.52 -6.70 -12.05
N SER A 282 -2.33 -7.09 -13.04
CA SER A 282 -3.77 -6.88 -12.99
C SER A 282 -4.40 -7.36 -14.30
N TYR A 283 -5.72 -7.30 -14.39
CA TYR A 283 -6.43 -7.76 -15.59
C TYR A 283 -7.18 -6.64 -16.29
N SER A 284 -6.90 -5.40 -15.90
CA SER A 284 -7.57 -4.26 -16.50
C SER A 284 -7.10 -4.00 -17.92
N SER A 285 -8.05 -3.62 -18.79
CA SER A 285 -7.71 -3.30 -20.17
C SER A 285 -7.24 -1.85 -20.17
N LYS A 286 -7.39 -1.20 -19.02
CA LYS A 286 -7.00 0.19 -18.88
C LYS A 286 -5.61 0.33 -18.23
N LYS A 287 -4.92 -0.79 -18.12
CA LYS A 287 -3.58 -0.79 -17.55
C LYS A 287 -2.62 -1.56 -18.44
N LEU A 288 -1.35 -1.20 -18.34
CA LEU A 288 -0.34 -1.87 -19.15
C LEU A 288 0.41 -2.87 -18.28
N CYS A 289 0.66 -4.05 -18.84
CA CYS A 289 1.38 -5.10 -18.13
C CYS A 289 2.66 -5.41 -18.91
N THR A 290 3.80 -5.29 -18.23
CA THR A 290 5.11 -5.53 -18.84
C THR A 290 5.43 -7.00 -19.02
N LEU A 291 6.22 -7.30 -20.05
CA LEU A 291 6.61 -8.66 -20.34
C LEU A 291 8.07 -8.88 -19.92
N ALA A 292 8.35 -10.04 -19.35
CA ALA A 292 9.69 -10.37 -18.89
C ALA A 292 10.57 -10.89 -20.03
N ILE A 293 10.37 -10.34 -21.21
CA ILE A 293 11.16 -10.70 -22.39
C ILE A 293 11.58 -9.36 -22.99
N HIS A 294 12.88 -9.11 -23.12
CA HIS A 294 13.34 -7.84 -23.66
C HIS A 294 14.26 -7.95 -24.87
N ALA A 295 14.50 -6.82 -25.50
CA ALA A 295 15.37 -6.78 -26.66
C ALA A 295 16.72 -6.36 -26.10
N MET A 296 17.76 -7.13 -26.42
CA MET A 296 19.08 -6.79 -25.92
C MET A 296 20.14 -7.26 -26.90
N ASP A 297 20.84 -6.31 -27.48
CA ASP A 297 21.89 -6.60 -28.43
C ASP A 297 23.20 -6.79 -27.69
N ILE A 298 23.63 -8.04 -27.56
CA ILE A 298 24.88 -8.33 -26.88
C ILE A 298 26.00 -8.34 -27.91
N PRO A 299 27.00 -7.47 -27.73
CA PRO A 299 28.14 -7.34 -28.64
C PRO A 299 29.06 -8.56 -28.70
N PRO A 300 29.82 -8.69 -29.81
CA PRO A 300 30.76 -9.78 -30.07
C PRO A 300 31.92 -9.81 -29.07
N PRO A 301 32.61 -10.95 -28.97
CA PRO A 301 32.33 -12.16 -29.75
C PRO A 301 31.18 -12.99 -29.21
N THR A 302 30.76 -12.70 -27.98
CA THR A 302 29.65 -13.44 -27.37
C THR A 302 28.36 -13.29 -28.17
N GLY A 303 28.00 -12.06 -28.48
CA GLY A 303 26.80 -11.82 -29.24
C GLY A 303 27.14 -11.62 -30.71
N PRO A 304 26.12 -11.50 -31.59
CA PRO A 304 24.70 -11.54 -31.24
C PRO A 304 24.33 -12.86 -30.55
N THR A 305 23.39 -12.79 -29.61
CA THR A 305 22.95 -13.98 -28.90
C THR A 305 21.70 -13.73 -28.07
N TRP A 306 20.94 -14.80 -27.82
CA TRP A 306 19.78 -14.68 -26.97
C TRP A 306 20.36 -14.88 -25.58
N ALA A 307 19.65 -14.44 -24.56
CA ALA A 307 20.11 -14.62 -23.20
C ALA A 307 18.94 -15.19 -22.42
N LEU A 308 19.17 -16.28 -21.70
CA LEU A 308 18.12 -16.90 -20.93
C LEU A 308 18.37 -16.57 -19.45
N GLY A 309 17.59 -15.61 -18.95
CA GLY A 309 17.76 -15.19 -17.58
C GLY A 309 16.73 -15.73 -16.61
N ALA A 310 16.44 -14.93 -15.58
CA ALA A 310 15.49 -15.32 -14.54
C ALA A 310 14.18 -15.84 -15.08
N THR A 311 13.63 -15.20 -16.10
CA THR A 311 12.36 -15.63 -16.68
C THR A 311 12.38 -17.13 -17.03
N PHE A 312 13.48 -17.57 -17.62
CA PHE A 312 13.67 -18.97 -18.01
C PHE A 312 14.01 -19.85 -16.81
N ILE A 313 15.00 -19.42 -16.04
CA ILE A 313 15.46 -20.15 -14.87
C ILE A 313 14.37 -20.47 -13.86
N ARG A 314 13.43 -19.53 -13.65
CA ARG A 314 12.33 -19.76 -12.72
C ARG A 314 11.61 -21.05 -13.08
N LYS A 315 11.48 -21.30 -14.37
CA LYS A 315 10.77 -22.47 -14.86
C LYS A 315 11.66 -23.70 -14.92
N PHE A 316 12.92 -23.50 -15.26
CA PHE A 316 13.83 -24.63 -15.36
C PHE A 316 15.07 -24.56 -14.48
N TYR A 317 15.13 -25.48 -13.51
CA TYR A 317 16.27 -25.57 -12.60
C TYR A 317 17.46 -25.72 -13.55
N THR A 318 18.56 -25.04 -13.25
CA THR A 318 19.73 -25.08 -14.13
C THR A 318 21.06 -25.49 -13.48
N GLU A 319 21.72 -26.45 -14.11
CA GLU A 319 23.01 -26.91 -13.61
C GLU A 319 24.12 -26.53 -14.59
N PHE A 320 25.19 -25.95 -14.08
CA PHE A 320 26.33 -25.54 -14.91
C PHE A 320 27.47 -26.51 -14.65
N ASP A 321 27.75 -27.36 -15.63
CA ASP A 321 28.78 -28.38 -15.49
C ASP A 321 30.13 -27.96 -16.09
N ARG A 322 31.07 -27.61 -15.21
CA ARG A 322 32.41 -27.20 -15.62
C ARG A 322 33.24 -28.39 -16.10
N ARG A 323 33.03 -29.54 -15.49
CA ARG A 323 33.78 -30.74 -15.85
C ARG A 323 33.53 -31.20 -17.27
N ASN A 324 32.26 -31.31 -17.65
CA ASN A 324 31.94 -31.74 -19.00
C ASN A 324 31.57 -30.62 -19.94
N ASN A 325 31.82 -29.39 -19.50
CA ASN A 325 31.53 -28.20 -20.30
C ASN A 325 30.14 -28.18 -20.93
N ARG A 326 29.12 -28.34 -20.10
CA ARG A 326 27.74 -28.30 -20.57
C ARG A 326 26.76 -27.80 -19.51
N ILE A 327 25.52 -27.62 -19.93
CA ILE A 327 24.47 -27.14 -19.06
C ILE A 327 23.29 -28.09 -19.07
N GLY A 328 22.75 -28.36 -17.89
CA GLY A 328 21.62 -29.25 -17.79
C GLY A 328 20.40 -28.52 -17.28
N PHE A 329 19.23 -28.87 -17.82
CA PHE A 329 17.98 -28.25 -17.41
C PHE A 329 17.01 -29.32 -16.91
N ALA A 330 16.17 -28.94 -15.96
CA ALA A 330 15.18 -29.85 -15.39
C ALA A 330 14.01 -29.00 -14.89
N LEU A 331 12.80 -29.56 -14.93
CA LEU A 331 11.60 -28.86 -14.48
C LEU A 331 11.74 -28.46 -13.03
N ALA A 332 11.76 -27.16 -12.77
CA ALA A 332 11.88 -26.67 -11.41
C ALA A 332 10.68 -27.12 -10.57
N ARG A 333 10.94 -27.35 -9.29
CA ARG A 333 9.92 -27.80 -8.34
C ARG A 333 9.82 -26.73 -7.23
N SER B 1 -9.57 25.48 22.61
CA SER B 1 -8.62 24.45 22.06
C SER B 1 -9.20 23.69 20.87
N SER B 2 -8.31 23.28 19.97
CA SER B 2 -8.68 22.56 18.75
C SER B 2 -8.31 21.08 18.77
N VAL B 3 -9.06 20.30 18.01
CA VAL B 3 -8.80 18.87 17.87
C VAL B 3 -8.91 18.56 16.39
N ILE B 4 -7.81 18.12 15.79
CA ILE B 4 -7.78 17.79 14.37
C ILE B 4 -8.46 16.44 14.11
N LEU B 5 -9.23 16.38 13.03
CA LEU B 5 -9.96 15.16 12.72
C LEU B 5 -9.49 14.47 11.45
N THR B 6 -9.71 13.16 11.41
CA THR B 6 -9.36 12.36 10.25
C THR B 6 -10.66 12.16 9.49
N ASN B 7 -10.59 12.28 8.16
CA ASN B 7 -11.76 12.09 7.32
C ASN B 7 -11.63 10.75 6.62
N TYR B 8 -12.46 9.80 7.01
CA TYR B 8 -12.43 8.50 6.37
C TYR B 8 -13.59 8.35 5.39
N MET B 9 -13.28 8.36 4.11
CA MET B 9 -14.29 8.19 3.07
C MET B 9 -15.48 9.15 3.14
N ASP B 10 -15.30 10.36 3.65
CA ASP B 10 -16.40 11.31 3.76
C ASP B 10 -17.58 10.78 4.61
N THR B 11 -17.38 9.68 5.35
CA THR B 11 -18.47 9.13 6.17
C THR B 11 -18.17 9.03 7.67
N GLN B 12 -16.90 9.11 8.03
CA GLN B 12 -16.50 9.05 9.43
C GLN B 12 -15.44 10.11 9.73
N TYR B 13 -15.74 10.99 10.69
CA TYR B 13 -14.80 12.04 11.09
C TYR B 13 -14.51 11.84 12.58
N TYR B 14 -13.25 11.67 12.92
CA TYR B 14 -12.88 11.45 14.31
C TYR B 14 -11.52 12.05 14.64
N GLY B 15 -11.33 12.38 15.91
CA GLY B 15 -10.08 12.95 16.37
C GLY B 15 -9.60 12.15 17.57
N GLU B 16 -8.47 12.54 18.13
CA GLU B 16 -7.93 11.81 19.26
C GLU B 16 -8.19 12.46 20.62
N ILE B 17 -8.43 11.62 21.62
CA ILE B 17 -8.60 12.08 23.01
C ILE B 17 -7.79 11.12 23.87
N GLY B 18 -7.45 11.55 25.08
CA GLY B 18 -6.68 10.72 25.97
C GLY B 18 -7.45 10.47 27.26
N ILE B 19 -7.41 9.24 27.75
CA ILE B 19 -8.09 8.89 28.98
C ILE B 19 -7.12 8.24 29.97
N GLY B 20 -7.06 8.79 31.17
CA GLY B 20 -6.20 8.23 32.21
C GLY B 20 -4.78 8.75 32.31
N THR B 21 -4.07 8.27 33.32
CA THR B 21 -2.68 8.65 33.57
C THR B 21 -1.80 7.42 33.68
N PRO B 22 -0.91 7.20 32.71
CA PRO B 22 -0.76 8.10 31.56
C PRO B 22 -1.97 7.95 30.64
N PRO B 23 -2.15 8.89 29.69
CA PRO B 23 -3.29 8.79 28.78
C PRO B 23 -3.23 7.66 27.75
N GLN B 24 -4.36 6.97 27.58
CA GLN B 24 -4.51 5.90 26.60
C GLN B 24 -5.26 6.59 25.45
N THR B 25 -4.65 6.63 24.27
CA THR B 25 -5.22 7.32 23.13
C THR B 25 -6.35 6.62 22.37
N PHE B 26 -7.48 7.32 22.25
CA PHE B 26 -8.64 6.81 21.55
C PHE B 26 -9.09 7.71 20.41
N LYS B 27 -9.57 7.10 19.34
CA LYS B 27 -10.08 7.84 18.21
C LYS B 27 -11.58 7.92 18.50
N VAL B 28 -12.14 9.12 18.47
CA VAL B 28 -13.57 9.24 18.74
C VAL B 28 -14.28 10.22 17.83
N VAL B 29 -15.60 10.02 17.71
CA VAL B 29 -16.44 10.90 16.91
C VAL B 29 -17.05 11.88 17.92
N PHE B 30 -17.06 13.17 17.58
CA PHE B 30 -17.66 14.17 18.46
C PHE B 30 -19.07 14.34 17.93
N ASP B 31 -20.01 13.79 18.68
CA ASP B 31 -21.42 13.70 18.32
C ASP B 31 -22.43 14.63 19.02
N THR B 32 -23.00 15.58 18.28
CA THR B 32 -23.99 16.48 18.86
C THR B 32 -25.35 15.75 18.95
N GLY B 33 -25.37 14.49 18.50
CA GLY B 33 -26.59 13.71 18.54
C GLY B 33 -26.72 12.82 19.77
N SER B 34 -25.77 12.92 20.68
CA SER B 34 -25.77 12.14 21.93
C SER B 34 -25.04 12.92 22.99
N SER B 35 -25.21 12.53 24.25
CA SER B 35 -24.61 13.26 25.36
C SER B 35 -23.65 12.50 26.25
N ASN B 36 -23.33 11.26 25.92
CA ASN B 36 -22.42 10.47 26.74
C ASN B 36 -21.06 10.23 26.10
N VAL B 37 -20.08 9.93 26.95
CA VAL B 37 -18.74 9.62 26.48
C VAL B 37 -18.67 8.10 26.55
N TRP B 38 -18.34 7.46 25.43
CA TRP B 38 -18.26 6.01 25.41
C TRP B 38 -17.03 5.47 24.70
N VAL B 39 -16.34 4.55 25.38
CA VAL B 39 -15.17 3.91 24.82
C VAL B 39 -15.26 2.42 25.13
N PRO B 40 -14.59 1.58 24.34
CA PRO B 40 -14.66 0.14 24.59
C PRO B 40 -13.86 -0.16 25.86
N SER B 41 -14.27 -1.17 26.61
CA SER B 41 -13.57 -1.52 27.84
C SER B 41 -12.68 -2.74 27.66
N SER B 42 -11.55 -2.76 28.37
CA SER B 42 -10.64 -3.91 28.29
C SER B 42 -11.37 -5.12 28.84
N LYS B 43 -12.53 -4.87 29.45
CA LYS B 43 -13.35 -5.94 30.01
C LYS B 43 -14.39 -6.36 28.98
N CYS B 44 -14.12 -6.06 27.71
CA CYS B 44 -15.02 -6.43 26.62
C CYS B 44 -14.48 -7.68 25.94
N SER B 45 -15.21 -8.77 26.09
CA SER B 45 -14.79 -10.05 25.50
C SER B 45 -14.46 -9.96 24.03
N ARG B 46 -13.42 -10.66 23.62
CA ARG B 46 -13.00 -10.67 22.23
C ARG B 46 -14.10 -11.38 21.44
N LEU B 47 -15.09 -11.90 22.17
CA LEU B 47 -16.21 -12.58 21.54
C LEU B 47 -17.05 -11.52 20.82
N TYR B 48 -16.96 -10.29 21.29
CA TYR B 48 -17.65 -9.18 20.65
C TYR B 48 -16.70 -8.69 19.59
N THR B 49 -17.01 -9.00 18.34
CA THR B 49 -16.16 -8.60 17.23
C THR B 49 -15.87 -7.10 17.25
N ALA B 50 -16.84 -6.31 17.72
CA ALA B 50 -16.68 -4.87 17.78
C ALA B 50 -15.62 -4.49 18.83
N CYS B 51 -15.04 -5.51 19.45
CA CYS B 51 -14.01 -5.30 20.46
C CYS B 51 -12.72 -6.03 20.10
N VAL B 52 -12.58 -6.39 18.84
CA VAL B 52 -11.40 -7.10 18.39
C VAL B 52 -10.34 -6.17 17.81
N TYR B 53 -10.78 -5.20 17.02
CA TYR B 53 -9.86 -4.27 16.39
C TYR B 53 -9.96 -2.84 16.94
N HIS B 54 -10.69 -2.65 18.03
CA HIS B 54 -10.83 -1.33 18.62
C HIS B 54 -10.11 -1.16 19.96
N LYS B 55 -9.50 0.01 20.14
CA LYS B 55 -8.77 0.30 21.36
C LYS B 55 -9.65 0.06 22.59
N LEU B 56 -9.11 -0.63 23.59
CA LEU B 56 -9.84 -0.92 24.82
C LEU B 56 -9.22 -0.16 25.99
N PHE B 57 -10.06 0.41 26.85
CA PHE B 57 -9.58 1.16 28.01
C PHE B 57 -9.27 0.27 29.20
N ASP B 58 -8.01 0.29 29.63
CA ASP B 58 -7.56 -0.52 30.75
C ASP B 58 -7.45 0.36 32.00
N ALA B 59 -8.46 0.30 32.85
CA ALA B 59 -8.50 1.12 34.07
C ALA B 59 -7.32 0.90 35.02
N SER B 60 -6.91 -0.35 35.18
CA SER B 60 -5.81 -0.68 36.08
C SER B 60 -4.49 -0.12 35.58
N ASP B 61 -4.52 0.53 34.42
CA ASP B 61 -3.33 1.12 33.83
C ASP B 61 -3.27 2.63 34.07
N SER B 62 -4.37 3.20 34.54
CA SER B 62 -4.44 4.64 34.82
C SER B 62 -4.40 4.91 36.31
N SER B 63 -3.43 5.72 36.73
CA SER B 63 -3.29 6.06 38.14
C SER B 63 -4.37 7.04 38.58
N SER B 64 -5.02 7.66 37.60
CA SER B 64 -6.07 8.64 37.88
C SER B 64 -7.45 8.01 37.85
N TYR B 65 -7.55 6.79 37.31
CA TYR B 65 -8.84 6.11 37.22
C TYR B 65 -9.50 5.99 38.59
N LYS B 66 -10.82 6.09 38.62
CA LYS B 66 -11.58 5.99 39.85
C LYS B 66 -12.78 5.08 39.61
N HIS B 67 -13.12 4.27 40.60
CA HIS B 67 -14.23 3.33 40.48
C HIS B 67 -15.64 3.87 40.63
N ASN B 68 -16.56 3.17 39.96
CA ASN B 68 -17.99 3.44 39.94
C ASN B 68 -18.46 2.27 39.09
N GLY B 69 -19.67 1.76 39.30
CA GLY B 69 -20.10 0.64 38.50
C GLY B 69 -21.53 0.68 38.00
N THR B 70 -22.12 1.86 37.98
CA THR B 70 -23.49 1.98 37.49
C THR B 70 -23.58 1.35 36.12
N GLU B 71 -24.37 0.30 36.01
CA GLU B 71 -24.55 -0.41 34.76
C GLU B 71 -25.51 0.34 33.86
N LEU B 72 -24.99 0.86 32.75
CA LEU B 72 -25.81 1.60 31.80
C LEU B 72 -26.14 0.76 30.58
N THR B 73 -27.33 0.97 30.01
CA THR B 73 -27.76 0.21 28.85
C THR B 73 -28.41 1.08 27.78
N LEU B 74 -28.24 0.67 26.52
CA LEU B 74 -28.81 1.41 25.39
C LEU B 74 -29.14 0.50 24.21
N ARG B 75 -30.42 0.36 23.88
CA ARG B 75 -30.83 -0.46 22.74
C ARG B 75 -30.66 0.37 21.48
N TYR B 76 -30.01 -0.21 20.47
CA TYR B 76 -29.73 0.50 19.22
C TYR B 76 -30.33 -0.16 17.97
N SER B 77 -31.66 -0.25 17.91
CA SER B 77 -32.35 -0.85 16.76
C SER B 77 -31.71 -2.16 16.32
N THR B 78 -30.86 -2.69 17.18
CA THR B 78 -30.12 -3.92 16.93
C THR B 78 -29.02 -3.90 17.97
N GLY B 79 -29.00 -2.81 18.71
CA GLY B 79 -28.00 -2.64 19.74
C GLY B 79 -28.51 -3.06 21.10
N THR B 80 -27.56 -3.38 21.97
CA THR B 80 -27.85 -3.80 23.32
C THR B 80 -26.60 -3.48 24.11
N VAL B 81 -25.85 -2.50 23.60
CA VAL B 81 -24.62 -2.04 24.23
C VAL B 81 -24.79 -1.93 25.73
N SER B 82 -23.93 -2.63 26.47
CA SER B 82 -23.97 -2.60 27.91
C SER B 82 -22.64 -2.07 28.41
N GLY B 83 -22.66 -1.49 29.61
CA GLY B 83 -21.44 -0.95 30.16
C GLY B 83 -21.65 -0.38 31.55
N PHE B 84 -20.58 0.19 32.11
CA PHE B 84 -20.64 0.77 33.44
C PHE B 84 -19.91 2.11 33.49
N LEU B 85 -20.26 2.93 34.48
CA LEU B 85 -19.63 4.24 34.64
C LEU B 85 -18.26 4.17 35.30
N SER B 86 -17.39 5.09 34.90
CA SER B 86 -16.04 5.17 35.42
C SER B 86 -15.63 6.64 35.40
N GLN B 87 -14.67 7.01 36.24
CA GLN B 87 -14.20 8.39 36.28
C GLN B 87 -12.70 8.44 35.99
N ASP B 88 -12.29 9.48 35.28
CA ASP B 88 -10.88 9.64 34.94
C ASP B 88 -10.66 10.98 34.28
N ILE B 89 -9.41 11.37 34.13
CA ILE B 89 -9.08 12.64 33.48
C ILE B 89 -9.07 12.42 31.99
N ILE B 90 -9.65 13.34 31.23
CA ILE B 90 -9.69 13.22 29.79
C ILE B 90 -8.98 14.38 29.14
N THR B 91 -8.11 14.06 28.19
CA THR B 91 -7.35 15.07 27.47
C THR B 91 -7.95 15.31 26.08
N VAL B 92 -8.45 16.52 25.87
CA VAL B 92 -9.04 16.90 24.59
C VAL B 92 -8.33 18.17 24.10
N GLY B 93 -7.43 18.01 23.13
CA GLY B 93 -6.70 19.13 22.59
C GLY B 93 -6.00 19.99 23.63
N GLY B 94 -5.07 19.40 24.37
CA GLY B 94 -4.37 20.18 25.38
C GLY B 94 -5.19 20.59 26.59
N ILE B 95 -6.45 20.18 26.64
CA ILE B 95 -7.32 20.49 27.77
C ILE B 95 -7.54 19.20 28.57
N THR B 96 -7.46 19.29 29.89
CA THR B 96 -7.68 18.13 30.75
C THR B 96 -8.86 18.39 31.68
N VAL B 97 -9.85 17.50 31.62
CA VAL B 97 -11.04 17.64 32.45
C VAL B 97 -11.48 16.30 33.03
N THR B 98 -11.84 16.30 34.31
CA THR B 98 -12.28 15.08 34.98
C THR B 98 -13.71 14.78 34.50
N GLN B 99 -13.85 13.65 33.82
CA GLN B 99 -15.14 13.25 33.27
C GLN B 99 -15.60 11.87 33.69
N MET B 100 -16.91 11.67 33.66
CA MET B 100 -17.50 10.39 33.97
C MET B 100 -17.86 9.85 32.60
N PHE B 101 -17.27 8.71 32.24
CA PHE B 101 -17.54 8.08 30.96
C PHE B 101 -17.92 6.62 31.19
N GLY B 102 -18.40 5.98 30.13
CA GLY B 102 -18.79 4.59 30.25
C GLY B 102 -17.91 3.66 29.42
N GLU B 103 -17.54 2.53 30.02
CA GLU B 103 -16.73 1.55 29.31
C GLU B 103 -17.72 0.56 28.71
N VAL B 104 -17.54 0.24 27.44
CA VAL B 104 -18.45 -0.70 26.76
C VAL B 104 -18.00 -2.15 26.91
N THR B 105 -18.95 -3.01 27.27
CA THR B 105 -18.66 -4.42 27.44
C THR B 105 -19.32 -5.33 26.41
N GLU B 106 -20.46 -4.90 25.86
CA GLU B 106 -21.19 -5.70 24.87
C GLU B 106 -21.71 -4.85 23.70
N MET B 107 -21.51 -5.35 22.47
CA MET B 107 -21.95 -4.66 21.27
C MET B 107 -22.18 -5.58 20.08
N PRO B 108 -23.26 -5.36 19.33
CA PRO B 108 -23.58 -6.17 18.15
C PRO B 108 -22.56 -5.84 17.06
N ALA B 109 -22.15 -6.83 16.29
CA ALA B 109 -21.17 -6.63 15.23
C ALA B 109 -21.50 -5.40 14.39
N LEU B 110 -22.80 -5.12 14.23
CA LEU B 110 -23.23 -3.98 13.44
C LEU B 110 -23.83 -2.89 14.32
N PRO B 111 -23.49 -1.62 14.05
CA PRO B 111 -22.58 -1.26 12.96
C PRO B 111 -21.21 -0.90 13.53
N PHE B 112 -21.10 -0.97 14.85
CA PHE B 112 -19.88 -0.63 15.57
C PHE B 112 -18.60 -1.23 14.99
N MET B 113 -18.71 -2.37 14.33
CA MET B 113 -17.54 -3.02 13.73
C MET B 113 -17.03 -2.24 12.52
N LEU B 114 -17.91 -1.44 11.93
CA LEU B 114 -17.56 -0.64 10.75
C LEU B 114 -16.78 0.62 11.11
N ALA B 115 -16.94 1.09 12.35
CA ALA B 115 -16.29 2.32 12.78
C ALA B 115 -14.77 2.23 12.78
N GLU B 116 -14.13 3.19 12.11
CA GLU B 116 -12.68 3.22 12.06
C GLU B 116 -12.22 3.81 13.38
N PHE B 117 -13.15 4.42 14.08
CA PHE B 117 -12.86 5.04 15.37
C PHE B 117 -13.23 4.06 16.49
N ASP B 118 -12.89 4.40 17.72
CA ASP B 118 -13.15 3.53 18.85
C ASP B 118 -14.34 3.89 19.72
N GLY B 119 -14.62 5.18 19.87
CA GLY B 119 -15.74 5.56 20.72
C GLY B 119 -16.37 6.88 20.34
N VAL B 120 -17.27 7.35 21.20
CA VAL B 120 -17.97 8.60 20.95
C VAL B 120 -17.88 9.57 22.12
N VAL B 121 -17.84 10.84 21.80
CA VAL B 121 -17.80 11.92 22.80
C VAL B 121 -19.05 12.75 22.57
N GLY B 122 -20.03 12.58 23.46
CA GLY B 122 -21.28 13.31 23.34
C GLY B 122 -21.18 14.80 23.52
N MET B 123 -21.58 15.55 22.50
CA MET B 123 -21.56 17.00 22.59
C MET B 123 -22.99 17.49 22.77
N GLY B 124 -23.88 16.55 23.08
CA GLY B 124 -25.28 16.87 23.30
C GLY B 124 -25.50 17.42 24.69
N PHE B 125 -26.76 17.76 25.01
CA PHE B 125 -27.13 18.32 26.32
C PHE B 125 -27.30 17.26 27.40
N ILE B 126 -27.10 17.67 28.65
CA ILE B 126 -27.21 16.76 29.79
C ILE B 126 -28.59 16.11 29.91
N GLU B 127 -29.63 16.80 29.44
CA GLU B 127 -30.99 16.27 29.49
C GLU B 127 -31.12 14.91 28.83
N GLN B 128 -30.27 14.62 27.85
CA GLN B 128 -30.34 13.34 27.14
C GLN B 128 -29.22 12.40 27.58
N ALA B 129 -28.48 12.80 28.60
CA ALA B 129 -27.39 11.97 29.08
C ALA B 129 -27.90 10.73 29.80
N ILE B 130 -27.30 9.58 29.53
CA ILE B 130 -27.70 8.34 30.19
C ILE B 130 -27.23 8.44 31.63
N GLY B 131 -28.06 8.03 32.56
CA GLY B 131 -27.69 8.10 33.97
C GLY B 131 -27.46 9.55 34.35
N ARG B 132 -28.08 10.45 33.58
CA ARG B 132 -27.98 11.89 33.77
C ARG B 132 -26.56 12.39 34.05
N VAL B 133 -25.58 11.69 33.50
CA VAL B 133 -24.17 12.07 33.68
C VAL B 133 -23.90 13.42 33.01
N THR B 134 -23.05 14.24 33.64
CA THR B 134 -22.71 15.55 33.11
C THR B 134 -21.85 15.46 31.86
N PRO B 135 -22.34 15.97 30.72
CA PRO B 135 -21.60 15.94 29.46
C PRO B 135 -20.22 16.57 29.64
N ILE B 136 -19.25 16.15 28.83
CA ILE B 136 -17.90 16.68 28.96
C ILE B 136 -17.76 18.17 28.65
N PHE B 137 -18.58 18.67 27.72
CA PHE B 137 -18.47 20.08 27.39
C PHE B 137 -18.95 20.95 28.57
N ASP B 138 -19.91 20.44 29.33
CA ASP B 138 -20.40 21.19 30.49
C ASP B 138 -19.31 21.23 31.54
N ASN B 139 -18.64 20.10 31.74
CA ASN B 139 -17.56 20.03 32.72
C ASN B 139 -16.42 20.95 32.31
N ILE B 140 -16.10 20.96 31.02
CA ILE B 140 -15.04 21.82 30.50
C ILE B 140 -15.44 23.29 30.71
N ILE B 141 -16.70 23.59 30.44
CA ILE B 141 -17.19 24.96 30.62
C ILE B 141 -17.13 25.35 32.09
N SER B 142 -17.31 24.37 32.98
CA SER B 142 -17.27 24.63 34.39
C SER B 142 -15.91 25.12 34.88
N GLN B 143 -14.83 24.73 34.20
CA GLN B 143 -13.52 25.18 34.65
C GLN B 143 -13.20 26.59 34.15
N GLY B 144 -14.17 27.19 33.47
CA GLY B 144 -14.04 28.54 32.96
C GLY B 144 -12.75 28.98 32.31
N VAL B 145 -12.32 28.27 31.27
CA VAL B 145 -11.11 28.66 30.56
C VAL B 145 -11.47 29.06 29.11
N LEU B 146 -12.58 28.53 28.60
CA LEU B 146 -13.01 28.83 27.24
C LEU B 146 -13.45 30.28 27.02
N LYS B 147 -12.99 30.89 25.94
CA LYS B 147 -13.33 32.27 25.62
C LYS B 147 -14.83 32.48 25.49
N GLU B 148 -15.50 31.50 24.92
CA GLU B 148 -16.93 31.58 24.73
C GLU B 148 -17.57 30.22 24.94
N ASP B 149 -18.84 30.23 25.32
CA ASP B 149 -19.60 29.03 25.58
C ASP B 149 -20.14 28.40 24.28
N VAL B 150 -19.24 28.07 23.36
CA VAL B 150 -19.64 27.47 22.09
C VAL B 150 -18.54 26.54 21.60
N PHE B 151 -18.86 25.76 20.57
CA PHE B 151 -17.88 24.89 19.92
C PHE B 151 -18.29 24.77 18.45
N SER B 152 -17.29 24.69 17.58
CA SER B 152 -17.52 24.62 16.13
C SER B 152 -16.95 23.40 15.41
N PHE B 153 -17.59 23.05 14.30
CA PHE B 153 -17.18 21.94 13.47
C PHE B 153 -16.83 22.30 12.02
N TYR B 154 -15.68 21.80 11.57
CA TYR B 154 -15.23 21.94 10.21
C TYR B 154 -15.00 20.52 9.70
N TYR B 155 -15.70 20.12 8.64
CA TYR B 155 -15.53 18.80 8.03
C TYR B 155 -15.07 19.03 6.59
N ASN B 156 -13.91 18.51 6.24
CA ASN B 156 -13.37 18.70 4.89
C ASN B 156 -13.90 17.64 3.93
N ARG B 157 -13.72 17.88 2.64
CA ARG B 157 -14.12 16.95 1.60
C ARG B 157 -12.94 16.01 1.40
N ASP B 158 -13.22 14.72 1.16
CA ASP B 158 -12.17 13.73 1.00
C ASP B 158 -11.28 13.97 -0.22
N SER B 159 -9.99 13.71 -0.04
CA SER B 159 -9.02 13.88 -1.12
C SER B 159 -7.82 12.97 -0.84
N GLU B 160 -7.89 11.75 -1.35
CA GLU B 160 -6.81 10.78 -1.15
C GLU B 160 -6.11 10.50 -2.47
N LEU B 165 -6.04 18.10 5.84
CA LEU B 165 -6.83 18.08 7.11
C LEU B 165 -8.20 17.47 6.83
N GLY B 166 -8.56 16.45 7.61
CA GLY B 166 -9.86 15.82 7.42
C GLY B 166 -10.96 16.67 8.03
N GLY B 167 -10.61 17.39 9.09
CA GLY B 167 -11.56 18.24 9.78
C GLY B 167 -10.97 18.89 11.02
N GLN B 168 -11.78 19.69 11.69
CA GLN B 168 -11.35 20.37 12.91
C GLN B 168 -12.50 20.83 13.80
N ILE B 169 -12.34 20.59 15.09
CA ILE B 169 -13.33 21.02 16.05
C ILE B 169 -12.67 22.04 16.96
N VAL B 170 -13.34 23.17 17.16
CA VAL B 170 -12.79 24.20 18.02
C VAL B 170 -13.67 24.33 19.25
N LEU B 171 -13.10 24.08 20.43
CA LEU B 171 -13.85 24.20 21.67
C LEU B 171 -13.67 25.62 22.18
N GLY B 172 -14.78 26.30 22.47
CA GLY B 172 -14.70 27.66 22.95
C GLY B 172 -14.69 28.75 21.89
N GLY B 173 -14.88 28.37 20.62
CA GLY B 173 -14.88 29.37 19.56
C GLY B 173 -15.01 28.83 18.15
N SER B 174 -14.55 29.62 17.18
CA SER B 174 -14.56 29.28 15.75
C SER B 174 -13.21 29.60 15.13
N ASP B 175 -12.94 29.04 13.96
CA ASP B 175 -11.67 29.29 13.26
C ASP B 175 -11.99 29.90 11.90
N PRO B 176 -11.89 31.25 11.78
CA PRO B 176 -12.15 32.02 10.56
C PRO B 176 -11.43 31.47 9.33
N GLN B 177 -10.41 30.65 9.57
CA GLN B 177 -9.66 30.04 8.48
C GLN B 177 -10.52 29.06 7.68
N HIS B 178 -11.55 28.51 8.30
CA HIS B 178 -12.38 27.52 7.61
C HIS B 178 -13.82 27.87 7.22
N TYR B 179 -14.12 29.16 7.19
CA TYR B 179 -15.44 29.62 6.77
C TYR B 179 -15.25 31.03 6.23
N GLU B 180 -16.18 31.46 5.39
CA GLU B 180 -16.09 32.80 4.84
C GLU B 180 -17.33 33.57 5.25
N GLY B 181 -17.25 34.89 5.18
CA GLY B 181 -18.39 35.69 5.55
C GLY B 181 -18.68 35.60 7.04
N ASN B 182 -19.92 35.84 7.42
CA ASN B 182 -20.30 35.82 8.83
C ASN B 182 -21.39 34.81 9.13
N PHE B 183 -21.40 34.32 10.37
CA PHE B 183 -22.42 33.38 10.78
C PHE B 183 -23.80 33.98 10.83
N HIS B 184 -24.79 33.16 10.52
CA HIS B 184 -26.19 33.54 10.66
C HIS B 184 -26.69 32.42 11.57
N TYR B 185 -27.41 32.78 12.63
CA TYR B 185 -27.90 31.77 13.55
C TYR B 185 -29.38 31.43 13.46
N ILE B 186 -29.69 30.23 13.94
CA ILE B 186 -31.04 29.71 14.00
C ILE B 186 -31.19 29.23 15.45
N ASN B 187 -32.22 29.70 16.14
CA ASN B 187 -32.43 29.31 17.52
C ASN B 187 -33.00 27.89 17.60
N LEU B 188 -32.65 27.18 18.68
CA LEU B 188 -33.14 25.83 18.90
C LEU B 188 -34.62 25.87 19.24
N ILE B 189 -35.33 24.78 18.95
CA ILE B 189 -36.75 24.70 19.27
C ILE B 189 -36.81 24.87 20.79
N LYS B 190 -36.03 24.05 21.49
CA LYS B 190 -35.94 24.08 22.94
C LYS B 190 -34.57 23.55 23.33
N THR B 191 -34.06 23.99 24.47
CA THR B 191 -32.76 23.53 24.95
C THR B 191 -32.84 22.03 25.23
N GLY B 192 -31.69 21.36 25.26
CA GLY B 192 -31.67 19.93 25.51
C GLY B 192 -31.39 19.10 24.28
N VAL B 193 -31.69 19.65 23.11
CA VAL B 193 -31.46 18.95 21.85
C VAL B 193 -31.06 19.96 20.78
N TRP B 194 -30.01 19.63 20.03
CA TRP B 194 -29.52 20.50 18.97
C TRP B 194 -30.41 20.32 17.75
N GLN B 195 -31.66 20.76 17.90
CA GLN B 195 -32.66 20.63 16.85
C GLN B 195 -33.28 21.99 16.59
N ILE B 196 -33.49 22.29 15.31
CA ILE B 196 -34.07 23.56 14.91
C ILE B 196 -35.25 23.31 14.00
N GLN B 197 -36.08 24.33 13.82
CA GLN B 197 -37.23 24.22 12.95
C GLN B 197 -36.79 24.43 11.50
N MET B 198 -37.34 23.64 10.58
CA MET B 198 -37.04 23.77 9.16
C MET B 198 -38.30 24.28 8.50
N LYS B 199 -38.17 25.30 7.66
CA LYS B 199 -39.34 25.87 6.99
C LYS B 199 -39.48 25.42 5.54
N GLY B 200 -39.03 24.20 5.24
CA GLY B 200 -39.16 23.69 3.89
C GLY B 200 -37.88 23.17 3.24
N VAL B 201 -38.04 22.20 2.35
CA VAL B 201 -36.91 21.63 1.62
C VAL B 201 -37.20 21.70 0.12
N SER B 202 -36.44 22.53 -0.58
CA SER B 202 -36.60 22.74 -2.02
C SER B 202 -35.64 21.91 -2.88
N VAL B 203 -36.19 21.29 -3.92
CA VAL B 203 -35.39 20.50 -4.83
C VAL B 203 -35.34 21.33 -6.11
N GLY B 204 -34.64 22.44 -6.05
CA GLY B 204 -34.55 23.32 -7.18
C GLY B 204 -35.53 24.46 -6.98
N SER B 205 -36.64 24.41 -7.72
CA SER B 205 -37.68 25.43 -7.62
C SER B 205 -38.81 24.95 -6.71
N SER B 206 -39.42 23.84 -7.11
CA SER B 206 -40.53 23.24 -6.36
C SER B 206 -40.16 22.92 -4.91
N THR B 207 -40.75 23.64 -3.97
CA THR B 207 -40.50 23.37 -2.57
C THR B 207 -41.48 22.26 -2.23
N LEU B 208 -41.22 21.07 -2.76
CA LEU B 208 -42.11 19.94 -2.55
C LEU B 208 -42.01 19.22 -1.21
N LEU B 209 -41.05 19.61 -0.38
CA LEU B 209 -40.93 18.93 0.91
C LEU B 209 -40.92 19.87 2.11
N CYS B 210 -41.48 19.37 3.21
CA CYS B 210 -41.52 20.13 4.45
C CYS B 210 -42.27 21.45 4.34
N GLU B 211 -43.41 21.45 3.66
CA GLU B 211 -44.19 22.68 3.58
C GLU B 211 -44.88 22.71 4.94
N ASP B 212 -44.98 23.88 5.54
CA ASP B 212 -45.62 23.98 6.85
C ASP B 212 -44.71 23.46 7.96
N GLY B 213 -43.41 23.42 7.69
CA GLY B 213 -42.46 22.99 8.70
C GLY B 213 -42.18 21.52 8.96
N CYS B 214 -41.03 21.29 9.56
CA CYS B 214 -40.54 19.97 9.92
C CYS B 214 -39.34 20.24 10.84
N LEU B 215 -38.78 19.20 11.43
CA LEU B 215 -37.65 19.38 12.34
C LEU B 215 -36.32 19.03 11.68
N ALA B 216 -35.25 19.59 12.24
CA ALA B 216 -33.90 19.33 11.73
C ALA B 216 -32.90 19.20 12.87
N LEU B 217 -32.36 17.99 13.02
CA LEU B 217 -31.36 17.71 14.04
C LEU B 217 -30.02 17.94 13.36
N VAL B 218 -29.19 18.83 13.92
CA VAL B 218 -27.87 19.10 13.37
C VAL B 218 -26.97 18.12 14.10
N ASP B 219 -26.75 16.97 13.47
CA ASP B 219 -26.00 15.88 14.07
C ASP B 219 -24.62 15.65 13.47
N THR B 220 -23.59 16.15 14.16
CA THR B 220 -22.21 16.01 13.69
C THR B 220 -21.76 14.56 13.62
N GLY B 221 -22.47 13.68 14.33
CA GLY B 221 -22.11 12.26 14.34
C GLY B 221 -22.79 11.45 13.24
N ALA B 222 -23.58 12.11 12.40
CA ALA B 222 -24.28 11.43 11.31
C ALA B 222 -23.50 11.66 10.02
N SER B 223 -23.37 10.60 9.22
CA SER B 223 -22.62 10.68 7.97
C SER B 223 -23.31 11.49 6.88
N TYR B 224 -24.62 11.43 6.84
CA TYR B 224 -25.35 12.13 5.79
C TYR B 224 -26.47 13.04 6.26
N ILE B 225 -27.23 13.51 5.29
CA ILE B 225 -28.40 14.33 5.54
C ILE B 225 -29.48 13.26 5.44
N SER B 226 -30.35 13.18 6.42
CA SER B 226 -31.39 12.17 6.41
C SER B 226 -32.77 12.74 6.60
N GLY B 227 -33.74 12.00 6.07
CA GLY B 227 -35.13 12.39 6.19
C GLY B 227 -35.90 11.11 6.43
N SER B 228 -37.18 11.22 6.75
CA SER B 228 -37.98 10.02 6.99
C SER B 228 -37.98 9.22 5.69
N THR B 229 -38.25 7.92 5.78
CA THR B 229 -38.29 7.10 4.59
C THR B 229 -39.23 7.73 3.58
N SER B 230 -40.31 8.31 4.09
CA SER B 230 -41.32 8.97 3.25
C SER B 230 -40.71 10.11 2.46
N SER B 231 -40.17 11.09 3.19
CA SER B 231 -39.55 12.26 2.60
C SER B 231 -38.49 11.91 1.56
N ILE B 232 -37.57 11.03 1.92
CA ILE B 232 -36.50 10.63 1.02
C ILE B 232 -37.03 9.99 -0.25
N GLU B 233 -38.15 9.29 -0.16
CA GLU B 233 -38.74 8.66 -1.34
C GLU B 233 -39.13 9.73 -2.36
N LYS B 234 -39.80 10.78 -1.89
CA LYS B 234 -40.23 11.87 -2.76
C LYS B 234 -39.04 12.66 -3.25
N LEU B 235 -38.07 12.88 -2.37
CA LEU B 235 -36.87 13.61 -2.75
C LEU B 235 -36.15 12.88 -3.87
N MET B 236 -35.89 11.59 -3.67
CA MET B 236 -35.20 10.78 -4.68
C MET B 236 -35.98 10.74 -5.98
N GLU B 237 -37.30 10.63 -5.88
CA GLU B 237 -38.14 10.59 -7.07
C GLU B 237 -37.90 11.87 -7.89
N ALA B 238 -37.88 13.01 -7.20
CA ALA B 238 -37.68 14.30 -7.85
C ALA B 238 -36.27 14.44 -8.46
N LEU B 239 -35.31 13.70 -7.91
CA LEU B 239 -33.93 13.72 -8.39
C LEU B 239 -33.72 12.66 -9.47
N GLY B 240 -34.75 11.84 -9.69
CA GLY B 240 -34.66 10.80 -10.69
C GLY B 240 -33.77 9.66 -10.25
N ALA B 241 -33.55 9.55 -8.95
CA ALA B 241 -32.72 8.48 -8.40
C ALA B 241 -33.54 7.21 -8.20
N LYS B 242 -32.90 6.07 -8.37
CA LYS B 242 -33.56 4.77 -8.20
C LYS B 242 -32.79 3.99 -7.13
N LYS B 243 -33.49 3.16 -6.35
CA LYS B 243 -32.80 2.39 -5.32
C LYS B 243 -32.17 1.12 -5.89
N ARG B 244 -30.91 0.89 -5.55
CA ARG B 244 -30.18 -0.29 -6.03
C ARG B 244 -30.30 -1.41 -5.01
N LEU B 245 -29.21 -1.73 -4.33
CA LEU B 245 -29.25 -2.78 -3.31
C LEU B 245 -30.07 -2.21 -2.17
N PHE B 246 -29.42 -1.41 -1.34
CA PHE B 246 -30.08 -0.78 -0.20
C PHE B 246 -29.93 0.74 -0.32
N ASP B 247 -29.16 1.20 -1.30
CA ASP B 247 -28.95 2.63 -1.49
C ASP B 247 -29.42 3.18 -2.82
N TYR B 248 -29.63 4.50 -2.84
CA TYR B 248 -30.07 5.19 -4.04
C TYR B 248 -28.88 5.50 -4.94
N VAL B 249 -29.12 5.52 -6.23
CA VAL B 249 -28.07 5.82 -7.19
C VAL B 249 -28.61 6.59 -8.39
N VAL B 250 -27.71 7.25 -9.08
CA VAL B 250 -28.04 8.00 -10.28
C VAL B 250 -26.92 7.66 -11.23
N LYS B 251 -27.13 7.85 -12.54
CA LYS B 251 -26.07 7.59 -13.50
C LYS B 251 -25.00 8.64 -13.19
N CYS B 252 -23.77 8.19 -12.95
CA CYS B 252 -22.69 9.11 -12.59
C CYS B 252 -22.56 10.30 -13.52
N ASN B 253 -22.69 10.08 -14.83
CA ASN B 253 -22.56 11.18 -15.76
C ASN B 253 -23.68 12.19 -15.58
N GLU B 254 -24.82 11.74 -15.04
CA GLU B 254 -25.94 12.64 -14.84
C GLU B 254 -25.90 13.39 -13.50
N GLY B 255 -25.19 12.83 -12.53
CA GLY B 255 -25.08 13.44 -11.22
C GLY B 255 -24.95 14.95 -11.21
N PRO B 256 -24.00 15.53 -11.97
CA PRO B 256 -23.77 16.97 -12.06
C PRO B 256 -24.89 17.79 -12.70
N THR B 257 -25.93 17.13 -13.19
CA THR B 257 -27.05 17.85 -13.80
C THR B 257 -28.25 17.93 -12.87
N LEU B 258 -28.17 17.26 -11.72
CA LEU B 258 -29.27 17.29 -10.77
C LEU B 258 -29.42 18.67 -10.17
N PRO B 259 -30.65 19.05 -9.80
CA PRO B 259 -30.93 20.36 -9.22
C PRO B 259 -30.33 20.55 -7.82
N ASP B 260 -30.21 21.81 -7.40
CA ASP B 260 -29.70 22.12 -6.07
C ASP B 260 -30.79 21.72 -5.09
N ILE B 261 -30.42 21.45 -3.84
CA ILE B 261 -31.43 21.14 -2.84
C ILE B 261 -31.24 22.19 -1.76
N SER B 262 -32.32 22.84 -1.37
CA SER B 262 -32.23 23.89 -0.37
C SER B 262 -33.01 23.64 0.90
N PHE B 263 -32.34 23.88 2.04
CA PHE B 263 -32.98 23.72 3.32
C PHE B 263 -33.24 25.13 3.85
N HIS B 264 -34.50 25.44 4.09
CA HIS B 264 -34.88 26.76 4.58
C HIS B 264 -34.81 26.78 6.10
N LEU B 265 -33.77 27.41 6.64
CA LEU B 265 -33.55 27.52 8.08
C LEU B 265 -33.38 28.96 8.49
N GLY B 266 -34.09 29.38 9.54
CA GLY B 266 -33.98 30.75 10.01
C GLY B 266 -34.14 31.83 8.95
N GLY B 267 -35.13 31.67 8.08
CA GLY B 267 -35.38 32.67 7.04
C GLY B 267 -34.38 32.71 5.90
N LYS B 268 -33.46 31.75 5.89
CA LYS B 268 -32.43 31.66 4.84
C LYS B 268 -32.50 30.29 4.18
N GLU B 269 -31.97 30.19 2.97
CA GLU B 269 -31.93 28.92 2.27
C GLU B 269 -30.50 28.44 2.16
N TYR B 270 -30.21 27.31 2.81
CA TYR B 270 -28.88 26.75 2.79
C TYR B 270 -28.90 25.77 1.63
N THR B 271 -28.15 26.12 0.59
CA THR B 271 -28.11 25.35 -0.65
C THR B 271 -26.93 24.42 -0.90
N LEU B 272 -27.25 23.20 -1.29
CA LEU B 272 -26.25 22.19 -1.65
C LEU B 272 -26.45 21.90 -3.13
N THR B 273 -25.35 21.88 -3.88
CA THR B 273 -25.42 21.58 -5.32
C THR B 273 -25.22 20.07 -5.41
N SER B 274 -25.48 19.50 -6.59
CA SER B 274 -25.34 18.06 -6.80
C SER B 274 -23.92 17.61 -6.50
N ALA B 275 -22.95 18.51 -6.70
CA ALA B 275 -21.56 18.20 -6.43
C ALA B 275 -21.37 18.04 -4.93
N ASP B 276 -22.27 18.65 -4.15
CA ASP B 276 -22.21 18.59 -2.69
C ASP B 276 -22.87 17.33 -2.12
N TYR B 277 -23.84 16.77 -2.83
CA TYR B 277 -24.53 15.59 -2.30
C TYR B 277 -24.39 14.27 -3.07
N VAL B 278 -23.71 14.29 -4.23
CA VAL B 278 -23.52 13.08 -5.00
C VAL B 278 -22.10 12.56 -4.83
N PHE B 279 -21.94 11.26 -4.61
CA PHE B 279 -20.62 10.65 -4.47
C PHE B 279 -20.17 10.24 -5.86
N GLN B 280 -19.45 11.13 -6.54
CA GLN B 280 -18.99 10.87 -7.89
C GLN B 280 -17.73 10.01 -7.94
N GLU B 281 -17.85 8.73 -7.62
CA GLU B 281 -16.71 7.81 -7.67
C GLU B 281 -16.13 7.91 -9.07
N SER B 282 -17.01 8.19 -10.04
CA SER B 282 -16.64 8.37 -11.43
C SER B 282 -17.63 9.35 -12.04
N TYR B 283 -17.57 9.54 -13.36
CA TYR B 283 -18.48 10.44 -14.05
C TYR B 283 -18.94 9.80 -15.35
N SER B 284 -18.57 8.55 -15.51
CA SER B 284 -18.92 7.78 -16.69
C SER B 284 -20.41 7.53 -16.79
N SER B 285 -20.91 7.48 -18.02
CA SER B 285 -22.32 7.21 -18.27
C SER B 285 -22.51 5.70 -18.16
N LYS B 286 -21.39 5.00 -17.99
CA LYS B 286 -21.39 3.54 -17.88
C LYS B 286 -21.37 3.04 -16.44
N LYS B 287 -21.45 3.96 -15.48
CA LYS B 287 -21.42 3.58 -14.07
C LYS B 287 -22.50 4.23 -13.20
N LEU B 288 -22.66 3.70 -11.99
CA LEU B 288 -23.65 4.17 -11.03
C LEU B 288 -23.02 4.94 -9.87
N CYS B 289 -23.67 6.04 -9.48
CA CYS B 289 -23.18 6.85 -8.37
C CYS B 289 -24.17 6.97 -7.21
N THR B 290 -23.64 6.81 -5.99
CA THR B 290 -24.41 6.88 -4.75
C THR B 290 -24.60 8.32 -4.31
N LEU B 291 -25.57 8.55 -3.41
CA LEU B 291 -25.85 9.88 -2.89
C LEU B 291 -25.52 9.97 -1.39
N ALA B 292 -25.19 11.17 -0.93
CA ALA B 292 -24.86 11.42 0.46
C ALA B 292 -26.09 11.84 1.26
N ILE B 293 -27.24 11.30 0.87
CA ILE B 293 -28.50 11.57 1.53
C ILE B 293 -29.13 10.19 1.67
N HIS B 294 -29.56 9.85 2.88
CA HIS B 294 -30.16 8.55 3.16
C HIS B 294 -31.43 8.71 3.99
N ALA B 295 -32.24 7.66 4.02
CA ALA B 295 -33.46 7.68 4.82
C ALA B 295 -33.05 7.29 6.22
N MET B 296 -33.70 7.89 7.21
CA MET B 296 -33.40 7.60 8.62
C MET B 296 -34.65 7.91 9.41
N ASP B 297 -35.35 6.87 9.86
CA ASP B 297 -36.55 7.05 10.64
C ASP B 297 -36.14 7.13 12.10
N ILE B 298 -35.99 8.36 12.60
CA ILE B 298 -35.61 8.58 13.98
C ILE B 298 -36.87 8.59 14.84
N PRO B 299 -36.99 7.62 15.75
CA PRO B 299 -38.14 7.48 16.65
C PRO B 299 -38.25 8.60 17.67
N PRO B 300 -39.41 8.72 18.31
CA PRO B 300 -39.60 9.76 19.32
C PRO B 300 -38.62 9.47 20.45
N PRO B 301 -38.37 10.45 21.33
CA PRO B 301 -38.94 11.79 21.34
C PRO B 301 -38.27 12.75 20.37
N THR B 302 -37.01 12.49 20.05
CA THR B 302 -36.23 13.34 19.14
C THR B 302 -36.84 13.38 17.74
N GLY B 303 -37.22 12.21 17.22
CA GLY B 303 -37.80 12.15 15.90
C GLY B 303 -39.29 11.90 15.94
N PRO B 304 -39.95 11.75 14.78
CA PRO B 304 -39.33 11.83 13.46
C PRO B 304 -38.79 13.22 13.15
N THR B 305 -37.67 13.26 12.43
CA THR B 305 -37.02 14.51 12.06
C THR B 305 -35.98 14.31 10.98
N TRP B 306 -35.59 15.42 10.36
CA TRP B 306 -34.53 15.40 9.37
C TRP B 306 -33.26 15.44 10.19
N ALA B 307 -32.14 15.12 9.56
CA ALA B 307 -30.85 15.15 10.24
C ALA B 307 -29.85 15.77 9.28
N LEU B 308 -29.15 16.81 9.75
CA LEU B 308 -28.15 17.48 8.94
C LEU B 308 -26.78 17.01 9.45
N GLY B 309 -26.27 15.95 8.83
CA GLY B 309 -24.98 15.39 9.22
C GLY B 309 -23.81 15.87 8.37
N ALA B 310 -22.77 15.06 8.33
CA ALA B 310 -21.55 15.38 7.59
C ALA B 310 -21.76 16.04 6.23
N THR B 311 -22.72 15.54 5.46
CA THR B 311 -23.00 16.09 4.13
C THR B 311 -23.33 17.58 4.19
N PHE B 312 -24.08 17.98 5.20
CA PHE B 312 -24.45 19.37 5.35
C PHE B 312 -23.28 20.19 5.88
N ILE B 313 -22.63 19.67 6.92
CA ILE B 313 -21.52 20.36 7.58
C ILE B 313 -20.36 20.67 6.66
N ARG B 314 -20.14 19.80 5.69
CA ARG B 314 -19.06 19.95 4.72
C ARG B 314 -19.28 21.25 3.95
N LYS B 315 -20.55 21.55 3.68
CA LYS B 315 -20.90 22.76 2.95
C LYS B 315 -20.91 23.97 3.87
N PHE B 316 -21.43 23.79 5.07
CA PHE B 316 -21.52 24.88 6.04
C PHE B 316 -20.84 24.62 7.38
N TYR B 317 -19.76 25.36 7.65
CA TYR B 317 -19.02 25.30 8.91
C TYR B 317 -20.09 25.57 9.96
N THR B 318 -20.07 24.80 11.04
CA THR B 318 -21.10 24.94 12.06
C THR B 318 -20.64 25.29 13.49
N GLU B 319 -21.32 26.26 14.08
CA GLU B 319 -21.02 26.68 15.44
C GLU B 319 -22.20 26.41 16.35
N PHE B 320 -21.97 25.60 17.37
CA PHE B 320 -23.02 25.26 18.34
C PHE B 320 -22.85 26.22 19.52
N ASP B 321 -23.82 27.12 19.64
CA ASP B 321 -23.78 28.15 20.66
C ASP B 321 -24.64 27.81 21.88
N ARG B 322 -23.99 27.31 22.91
CA ARG B 322 -24.67 26.93 24.15
C ARG B 322 -25.21 28.13 24.93
N ARG B 323 -24.42 29.19 25.03
CA ARG B 323 -24.86 30.36 25.76
C ARG B 323 -26.25 30.83 25.30
N ASN B 324 -26.47 30.80 24.00
CA ASN B 324 -27.73 31.24 23.40
C ASN B 324 -28.67 30.15 22.85
N ASN B 325 -28.30 28.89 23.00
CA ASN B 325 -29.13 27.80 22.46
C ASN B 325 -29.51 28.12 21.02
N ARG B 326 -28.49 28.26 20.19
CA ARG B 326 -28.69 28.57 18.79
C ARG B 326 -27.58 27.85 18.04
N ILE B 327 -27.73 27.73 16.72
CA ILE B 327 -26.71 27.11 15.89
C ILE B 327 -26.40 28.07 14.75
N GLY B 328 -25.11 28.33 14.55
CA GLY B 328 -24.69 29.22 13.49
C GLY B 328 -24.08 28.46 12.32
N PHE B 329 -24.31 28.99 11.12
CA PHE B 329 -23.79 28.40 9.91
C PHE B 329 -23.11 29.47 9.08
N ALA B 330 -22.06 29.07 8.36
CA ALA B 330 -21.31 29.95 7.48
C ALA B 330 -20.70 29.04 6.43
N LEU B 331 -20.56 29.55 5.21
CA LEU B 331 -20.00 28.77 4.10
C LEU B 331 -18.59 28.29 4.48
N ALA B 332 -18.36 26.99 4.39
CA ALA B 332 -17.05 26.42 4.73
C ALA B 332 -16.02 26.55 3.61
N ARG B 333 -14.75 26.55 4.00
CA ARG B 333 -13.65 26.66 3.05
C ARG B 333 -12.41 26.03 3.66
C1 3LG C . -19.56 4.44 17.83
O1 3LG C . -19.76 3.57 18.93
C2 3LG C . -18.76 2.57 19.11
C3 3LG C . -18.34 2.25 20.44
C4 3LG C . -18.97 3.00 21.58
O2 3LG C . -19.82 2.26 22.44
C5 3LG C . -18.20 1.91 17.99
C6 3LG C . -17.21 0.92 18.18
C7 3LG C . -16.78 0.59 19.48
C8 3LG C . -17.34 1.25 20.61
C20 3LG C . -24.21 9.03 16.41
C21 3LG C . -24.94 10.16 15.64
N2 3LG C . -25.91 10.85 16.49
C22 3LG C . -26.89 10.06 17.21
C23 3LG C . -26.24 8.91 18.01
N3 3LG C . -24.98 8.47 17.61
O5 3LG C . -26.85 8.46 18.97
C24 3LG C . -23.77 7.99 15.29
O6 3LG C . -23.15 6.74 15.50
C25 3LG C . -24.71 6.07 18.07
C26 3LG C . -24.44 7.44 18.38
C27 3LG C . -23.60 7.73 19.49
C28 3LG C . -23.05 6.68 20.26
C29 3LG C . -23.31 5.31 19.94
C30 3LG C . -24.15 5.02 18.84
O7 3LG C . -22.79 4.23 20.64
C31 3LG C . -23.16 4.07 22.01
C32 3LG C . -21.95 3.54 22.79
C33 3LG C . -21.20 2.37 22.10
N1 3LG C . -20.34 3.74 11.67
C9 3LG C . -21.11 4.69 12.37
C10 3LG C . -21.15 4.23 13.75
C11 3LG C . -20.40 3.01 13.82
C12 3LG C . -19.93 2.77 12.53
C13 3LG C . -21.78 5.89 12.06
C14 3LG C . -22.48 6.62 13.05
C15 3LG C . -22.51 6.15 14.41
C16 3LG C . -21.83 4.94 14.71
C17 3LG C . -19.98 3.72 10.23
C18 3LG C . -21.03 3.31 9.17
O3 3LG C . -20.64 3.68 7.93
O4 3LG C . -22.05 2.74 9.40
#